data_3INT
#
_entry.id   3INT
#
_cell.length_a   94.078
_cell.length_b   94.078
_cell.length_c   129.443
_cell.angle_alpha   90.00
_cell.angle_beta   90.00
_cell.angle_gamma   90.00
#
_symmetry.space_group_name_H-M   'P 41'
#
loop_
_entity.id
_entity.type
_entity.pdbx_description
1 polymer 'Probable UDP-galactopyranose mutase'
2 non-polymer 'DIHYDROFLAVINE-ADENINE DINUCLEOTIDE'
3 non-polymer "URIDINE-5'-DIPHOSPHATE"
4 non-polymer "GALACTOSE-URIDINE-5'-DIPHOSPHATE"
5 water water
#
_entity_poly.entity_id   1
_entity_poly.type   'polypeptide(L)'
_entity_poly.pdbx_seq_one_letter_code
;MKSKKILIVGAGFSGAVIGRQLAEKGHQVHIIDQRDHIGGNSYDARDSETNVMVHVYGPHIFHTDNETVWNYINKHAEMM
PYVNRVKATVNGQVFSLPINLHTINQFFSKTCSPDEARALIAEKGDSTIADPQTFEEQALRFIGKELYEAFFKGYTIKQW
GMQPSELPASILKRLPVRFNYDDNYFNHKFQGMPKCGYTQMIKSILNHENIKVDLQREFIVDERTHYDHVFYSGPLDAFY
GYQYGRLGYRTLDFKKFIYQGDYQGCAVMNYCSVDVPYTRITEHKYFSPWEQHDGSVCYKEYSRACEENDIPYYPIRQMG
EMALLEKYLSLAENETNITFVGRLGTYRYLDMDVTIAEALKTAEVYLNSLTDNQPMPVFTVSVGHHHHHH
;
_entity_poly.pdbx_strand_id   A,B
#
loop_
_chem_comp.id
_chem_comp.type
_chem_comp.name
_chem_comp.formula
FDA non-polymer 'DIHYDROFLAVINE-ADENINE DINUCLEOTIDE' 'C27 H35 N9 O15 P2'
GDU non-polymer GALACTOSE-URIDINE-5'-DIPHOSPHATE 'C15 H24 N2 O17 P2'
UDP RNA linking URIDINE-5'-DIPHOSPHATE 'C9 H14 N2 O12 P2'
#
# COMPACT_ATOMS: atom_id res chain seq x y z
N LYS A 2 -32.94 24.24 -23.68
CA LYS A 2 -34.10 23.32 -23.37
C LYS A 2 -33.66 21.89 -22.95
N SER A 3 -34.45 21.29 -22.06
CA SER A 3 -34.22 19.91 -21.63
C SER A 3 -34.35 18.95 -22.82
N LYS A 4 -33.40 18.02 -22.95
CA LYS A 4 -33.38 17.08 -24.08
C LYS A 4 -33.79 15.66 -23.66
N LYS A 5 -34.42 14.92 -24.57
CA LYS A 5 -34.77 13.51 -24.33
C LYS A 5 -33.61 12.60 -24.74
N ILE A 6 -33.11 11.80 -23.78
CA ILE A 6 -31.86 11.06 -23.99
C ILE A 6 -31.94 9.59 -23.57
N LEU A 7 -31.71 8.72 -24.55
CA LEU A 7 -31.63 7.27 -24.32
C LEU A 7 -30.14 6.84 -24.16
N ILE A 8 -29.86 6.13 -23.09
CA ILE A 8 -28.52 5.64 -22.86
C ILE A 8 -28.63 4.16 -22.83
N VAL A 9 -27.91 3.51 -23.73
CA VAL A 9 -27.89 2.04 -23.69
C VAL A 9 -26.75 1.48 -22.86
N GLY A 10 -27.11 0.93 -21.70
CA GLY A 10 -26.21 0.28 -20.77
C GLY A 10 -26.00 1.06 -19.50
N ALA A 11 -25.80 0.34 -18.41
CA ALA A 11 -25.69 0.91 -17.11
C ALA A 11 -24.36 0.56 -16.35
N GLY A 12 -23.28 0.36 -17.10
CA GLY A 12 -21.94 0.38 -16.52
C GLY A 12 -21.44 1.84 -16.45
N PHE A 13 -20.15 2.02 -16.22
CA PHE A 13 -19.57 3.36 -16.18
C PHE A 13 -19.90 4.23 -17.36
N SER A 14 -19.92 3.70 -18.59
CA SER A 14 -20.16 4.64 -19.68
C SER A 14 -21.56 5.30 -19.48
N GLY A 15 -22.58 4.46 -19.34
CA GLY A 15 -23.96 4.91 -19.22
C GLY A 15 -24.09 5.88 -18.07
N ALA A 16 -23.72 5.39 -16.91
CA ALA A 16 -23.90 6.09 -15.66
C ALA A 16 -23.29 7.47 -15.75
N VAL A 17 -22.04 7.54 -16.20
CA VAL A 17 -21.32 8.79 -16.14
C VAL A 17 -21.89 9.72 -17.19
N ILE A 18 -21.98 9.27 -18.43
CA ILE A 18 -22.53 10.17 -19.39
C ILE A 18 -23.88 10.67 -18.84
N GLY A 19 -24.70 9.76 -18.36
CA GLY A 19 -26.09 10.07 -18.04
C GLY A 19 -26.29 10.94 -16.81
N ARG A 20 -25.30 10.98 -15.94
CA ARG A 20 -25.32 11.82 -14.77
C ARG A 20 -24.92 13.25 -15.15
N GLN A 21 -23.95 13.42 -16.02
CA GLN A 21 -23.54 14.75 -16.45
C GLN A 21 -24.71 15.48 -17.12
N LEU A 22 -25.64 14.72 -17.68
CA LEU A 22 -26.69 15.34 -18.47
C LEU A 22 -27.91 15.64 -17.63
N ALA A 23 -28.09 14.83 -16.60
CA ALA A 23 -29.17 15.04 -15.66
C ALA A 23 -28.83 16.24 -14.81
N GLU A 24 -27.55 16.60 -14.77
CA GLU A 24 -27.06 17.74 -14.01
C GLU A 24 -27.33 19.07 -14.79
N LYS A 25 -27.57 18.96 -16.08
CA LYS A 25 -27.81 20.12 -16.92
C LYS A 25 -29.27 20.19 -17.39
N GLY A 26 -30.16 19.51 -16.66
CA GLY A 26 -31.61 19.55 -16.94
C GLY A 26 -32.25 18.43 -17.75
N HIS A 27 -31.43 17.61 -18.41
CA HIS A 27 -31.94 16.69 -19.45
C HIS A 27 -32.69 15.43 -18.95
N GLN A 28 -33.59 14.91 -19.77
CA GLN A 28 -34.43 13.78 -19.32
C GLN A 28 -33.82 12.45 -19.74
N VAL A 29 -32.99 11.91 -18.85
CA VAL A 29 -32.15 10.77 -19.19
C VAL A 29 -32.84 9.47 -18.87
N HIS A 30 -32.97 8.66 -19.91
CA HIS A 30 -33.54 7.33 -19.79
C HIS A 30 -32.45 6.29 -20.09
N ILE A 31 -32.12 5.50 -19.07
CA ILE A 31 -31.01 4.54 -19.11
C ILE A 31 -31.53 3.13 -19.00
N ILE A 32 -31.32 2.36 -20.07
CA ILE A 32 -31.75 0.97 -20.11
C ILE A 32 -30.57 -0.01 -20.10
N ASP A 33 -30.79 -1.17 -19.49
CA ASP A 33 -29.80 -2.21 -19.50
C ASP A 33 -30.45 -3.58 -19.65
N GLN A 34 -29.86 -4.44 -20.48
CA GLN A 34 -30.49 -5.73 -20.76
C GLN A 34 -30.28 -6.75 -19.66
N ARG A 35 -29.42 -6.46 -18.70
CA ARG A 35 -29.19 -7.39 -17.60
C ARG A 35 -30.10 -6.99 -16.44
N ASP A 36 -30.30 -7.87 -15.48
CA ASP A 36 -31.24 -7.53 -14.43
C ASP A 36 -30.61 -6.72 -13.25
N HIS A 37 -29.47 -6.04 -13.49
CA HIS A 37 -28.82 -5.21 -12.49
C HIS A 37 -27.95 -4.18 -13.16
N ILE A 38 -27.54 -3.18 -12.40
CA ILE A 38 -26.67 -2.13 -12.91
C ILE A 38 -25.16 -2.55 -12.86
N GLY A 39 -24.28 -1.71 -13.39
CA GLY A 39 -22.83 -1.92 -13.15
C GLY A 39 -22.02 -2.42 -14.32
N GLY A 40 -22.68 -2.90 -15.37
CA GLY A 40 -21.95 -3.47 -16.47
C GLY A 40 -20.97 -4.50 -15.90
N ASN A 41 -19.80 -4.60 -16.53
CA ASN A 41 -18.88 -5.62 -16.11
C ASN A 41 -18.08 -5.26 -14.86
N SER A 42 -18.39 -4.11 -14.23
CA SER A 42 -17.84 -3.71 -12.93
C SER A 42 -18.69 -4.19 -11.76
N TYR A 43 -19.87 -4.71 -12.08
CA TYR A 43 -20.79 -5.26 -11.06
C TYR A 43 -20.16 -6.20 -10.05
N ASP A 44 -20.32 -5.91 -8.77
CA ASP A 44 -19.97 -6.83 -7.72
C ASP A 44 -21.21 -7.06 -6.89
N ALA A 45 -21.22 -8.11 -6.08
CA ALA A 45 -22.38 -8.51 -5.30
C ALA A 45 -21.90 -9.47 -4.22
N ARG A 46 -22.64 -9.54 -3.13
CA ARG A 46 -22.22 -10.37 -2.03
C ARG A 46 -22.73 -11.79 -2.18
N ASP A 47 -21.85 -12.73 -1.90
CA ASP A 47 -22.20 -14.12 -1.92
C ASP A 47 -23.07 -14.56 -0.68
N SER A 48 -24.18 -15.26 -0.94
CA SER A 48 -25.17 -15.60 0.12
C SER A 48 -24.57 -16.24 1.35
N GLU A 49 -23.80 -17.28 1.17
CA GLU A 49 -23.29 -18.08 2.26
C GLU A 49 -22.11 -17.48 3.02
N THR A 50 -21.25 -16.70 2.35
CA THR A 50 -20.00 -16.25 2.94
C THR A 50 -20.01 -14.75 3.18
N ASN A 51 -20.92 -14.02 2.52
CA ASN A 51 -20.95 -12.56 2.64
C ASN A 51 -19.73 -11.83 2.03
N VAL A 52 -18.88 -12.57 1.31
CA VAL A 52 -17.79 -11.96 0.58
C VAL A 52 -18.31 -11.20 -0.66
N MET A 53 -17.84 -9.94 -0.81
CA MET A 53 -18.10 -9.12 -1.97
C MET A 53 -17.33 -9.71 -3.20
N VAL A 54 -18.10 -10.20 -4.16
CA VAL A 54 -17.54 -10.86 -5.31
C VAL A 54 -17.61 -9.92 -6.50
N HIS A 55 -16.50 -9.84 -7.22
CA HIS A 55 -16.35 -9.13 -8.50
C HIS A 55 -16.73 -10.15 -9.56
N VAL A 56 -17.91 -9.99 -10.12
CA VAL A 56 -18.60 -11.06 -10.80
C VAL A 56 -17.99 -11.25 -12.20
N TYR A 57 -17.57 -10.16 -12.86
CA TYR A 57 -16.93 -10.29 -14.14
C TYR A 57 -15.42 -10.14 -14.11
N GLY A 58 -14.76 -10.65 -13.08
CA GLY A 58 -13.31 -10.48 -13.01
C GLY A 58 -12.93 -9.44 -11.95
N PRO A 59 -11.83 -9.69 -11.26
CA PRO A 59 -11.33 -8.72 -10.31
C PRO A 59 -11.22 -7.36 -10.98
N HIS A 60 -11.62 -6.32 -10.24
CA HIS A 60 -11.63 -4.95 -10.71
C HIS A 60 -10.87 -4.04 -9.74
N ILE A 61 -9.69 -3.60 -10.13
CA ILE A 61 -8.91 -2.75 -9.25
C ILE A 61 -8.79 -1.39 -9.86
N PHE A 62 -9.17 -0.38 -9.10
CA PHE A 62 -9.14 0.98 -9.59
C PHE A 62 -7.75 1.64 -9.59
N HIS A 63 -7.31 2.19 -10.69
CA HIS A 63 -6.00 2.85 -10.74
C HIS A 63 -5.90 3.93 -11.81
N THR A 64 -5.31 5.06 -11.46
CA THR A 64 -5.24 6.17 -12.40
C THR A 64 -4.21 7.19 -11.96
N ASP A 65 -3.71 7.92 -12.95
CA ASP A 65 -2.91 9.13 -12.73
C ASP A 65 -3.79 10.42 -12.85
N ASN A 66 -5.07 10.22 -13.19
CA ASN A 66 -6.00 11.29 -13.48
C ASN A 66 -6.70 11.78 -12.23
N GLU A 67 -6.20 12.88 -11.66
CA GLU A 67 -6.72 13.39 -10.42
C GLU A 67 -8.19 13.74 -10.55
N THR A 68 -8.58 14.21 -11.71
CA THR A 68 -9.96 14.63 -11.92
C THR A 68 -10.92 13.43 -11.76
N VAL A 69 -10.55 12.29 -12.34
CA VAL A 69 -11.33 11.05 -12.25
C VAL A 69 -11.33 10.53 -10.80
N TRP A 70 -10.13 10.54 -10.22
CA TRP A 70 -10.00 10.16 -8.83
C TRP A 70 -10.91 10.97 -7.91
N ASN A 71 -10.90 12.29 -8.07
CA ASN A 71 -11.83 13.11 -7.32
C ASN A 71 -13.26 12.61 -7.51
N TYR A 72 -13.65 12.45 -8.77
CA TYR A 72 -15.04 12.12 -9.14
C TYR A 72 -15.54 10.83 -8.49
N ILE A 73 -14.70 9.82 -8.38
CA ILE A 73 -15.27 8.61 -7.84
C ILE A 73 -15.21 8.72 -6.34
N ASN A 74 -14.36 9.62 -5.84
CA ASN A 74 -14.30 9.85 -4.39
C ASN A 74 -15.58 10.59 -3.90
N LYS A 75 -16.23 11.30 -4.81
CA LYS A 75 -17.58 11.81 -4.56
C LYS A 75 -18.65 10.74 -4.40
N HIS A 76 -18.46 9.54 -4.98
CA HIS A 76 -19.50 8.49 -4.98
C HIS A 76 -19.17 7.20 -4.23
N ALA A 77 -17.99 7.15 -3.66
CA ALA A 77 -17.68 6.04 -2.81
C ALA A 77 -16.60 6.46 -1.85
N GLU A 78 -16.41 5.63 -0.82
CA GLU A 78 -15.22 5.68 0.03
C GLU A 78 -14.12 4.73 -0.51
N MET A 79 -13.08 5.34 -1.09
CA MET A 79 -11.97 4.57 -1.64
C MET A 79 -10.94 4.11 -0.62
N MET A 80 -10.87 2.81 -0.39
CA MET A 80 -9.86 2.26 0.49
C MET A 80 -8.52 2.01 -0.19
N PRO A 81 -7.43 2.23 0.54
CA PRO A 81 -6.13 1.97 -0.07
C PRO A 81 -5.99 0.47 -0.27
N TYR A 82 -5.46 0.11 -1.43
CA TYR A 82 -5.33 -1.28 -1.79
C TYR A 82 -4.22 -1.30 -2.83
N VAL A 83 -3.23 -2.17 -2.61
CA VAL A 83 -2.10 -2.33 -3.51
C VAL A 83 -2.12 -3.74 -4.07
N ASN A 84 -2.34 -3.89 -5.36
CA ASN A 84 -2.37 -5.22 -5.93
C ASN A 84 -0.97 -5.82 -5.88
N ARG A 85 -0.82 -6.95 -5.22
CA ARG A 85 0.46 -7.64 -5.13
C ARG A 85 0.24 -9.07 -5.60
N VAL A 86 0.56 -9.31 -6.85
CA VAL A 86 0.28 -10.56 -7.49
C VAL A 86 1.42 -11.55 -7.20
N LYS A 87 1.06 -12.81 -6.92
CA LYS A 87 2.06 -13.87 -6.83
C LYS A 87 1.99 -14.79 -8.02
N ALA A 88 2.98 -15.65 -8.17
CA ALA A 88 2.97 -16.54 -9.31
C ALA A 88 3.46 -17.89 -8.91
N THR A 89 2.79 -18.94 -9.37
CA THR A 89 3.25 -20.30 -9.07
C THR A 89 3.76 -20.93 -10.30
N VAL A 90 5.02 -21.32 -10.24
CA VAL A 90 5.68 -21.96 -11.39
C VAL A 90 6.90 -22.72 -10.99
N ASN A 91 7.14 -23.84 -11.68
CA ASN A 91 8.37 -24.64 -11.51
C ASN A 91 8.54 -25.04 -10.04
N GLY A 92 7.43 -25.33 -9.35
CA GLY A 92 7.44 -25.76 -7.97
C GLY A 92 7.78 -24.68 -6.97
N GLN A 93 7.67 -23.42 -7.37
CA GLN A 93 7.92 -22.36 -6.41
C GLN A 93 6.88 -21.27 -6.51
N VAL A 94 6.88 -20.36 -5.55
CA VAL A 94 6.05 -19.17 -5.56
C VAL A 94 6.90 -17.92 -5.68
N PHE A 95 6.58 -17.07 -6.67
CA PHE A 95 7.31 -15.83 -6.87
C PHE A 95 6.44 -14.60 -6.73
N SER A 96 7.07 -13.44 -6.63
CA SER A 96 6.31 -12.23 -6.70
C SER A 96 6.36 -11.66 -8.13
N LEU A 97 5.28 -11.00 -8.54
CA LEU A 97 5.22 -10.36 -9.88
C LEU A 97 4.88 -8.93 -9.61
N PRO A 98 5.09 -8.04 -10.58
CA PRO A 98 5.75 -8.28 -11.86
C PRO A 98 7.21 -8.51 -11.58
N ILE A 99 7.94 -9.01 -12.55
CA ILE A 99 9.36 -9.22 -12.35
C ILE A 99 10.06 -8.06 -11.64
N ASN A 100 10.65 -8.36 -10.49
CA ASN A 100 11.39 -7.37 -9.75
C ASN A 100 12.66 -7.96 -9.15
N LEU A 101 13.41 -7.15 -8.40
CA LEU A 101 14.67 -7.66 -7.81
C LEU A 101 14.51 -8.92 -6.98
N HIS A 102 13.40 -9.03 -6.25
CA HIS A 102 13.10 -10.28 -5.53
C HIS A 102 12.86 -11.50 -6.42
N THR A 103 12.16 -11.35 -7.54
CA THR A 103 11.86 -12.47 -8.45
C THR A 103 13.12 -12.96 -9.08
N ILE A 104 13.93 -12.00 -9.53
CA ILE A 104 15.22 -12.27 -10.12
C ILE A 104 16.17 -12.98 -9.15
N ASN A 105 16.25 -12.46 -7.92
CA ASN A 105 17.19 -13.09 -6.96
C ASN A 105 16.70 -14.48 -6.55
N GLN A 106 15.39 -14.68 -6.42
CA GLN A 106 14.88 -16.02 -6.14
C GLN A 106 15.04 -16.99 -7.34
N PHE A 107 14.83 -16.49 -8.57
CA PHE A 107 14.79 -17.36 -9.75
C PHE A 107 16.18 -17.87 -10.08
N PHE A 108 17.17 -16.99 -10.07
CA PHE A 108 18.58 -17.31 -10.39
C PHE A 108 19.48 -17.59 -9.18
N SER A 109 18.90 -17.58 -7.95
CA SER A 109 19.59 -17.93 -6.70
C SER A 109 20.79 -17.04 -6.43
N LYS A 110 20.59 -15.74 -6.39
CA LYS A 110 21.69 -14.81 -6.21
C LYS A 110 21.25 -13.87 -5.09
N THR A 111 22.07 -12.88 -4.77
CA THR A 111 21.70 -11.85 -3.83
C THR A 111 22.22 -10.55 -4.45
N CYS A 112 21.94 -10.35 -5.74
CA CYS A 112 22.28 -9.14 -6.51
C CYS A 112 21.71 -7.87 -5.96
N SER A 113 22.50 -6.80 -6.08
CA SER A 113 21.98 -5.48 -5.89
C SER A 113 21.30 -5.05 -7.21
N PRO A 114 20.64 -3.89 -7.19
CA PRO A 114 20.03 -3.38 -8.38
C PRO A 114 21.00 -3.32 -9.59
N ASP A 115 22.18 -2.71 -9.44
CA ASP A 115 23.08 -2.51 -10.55
C ASP A 115 23.66 -3.81 -11.03
N GLU A 116 23.76 -4.77 -10.12
CA GLU A 116 24.24 -6.09 -10.48
C GLU A 116 23.18 -6.87 -11.21
N ALA A 117 21.89 -6.51 -10.99
CA ALA A 117 20.76 -7.22 -11.64
C ALA A 117 20.56 -6.72 -13.08
N ARG A 118 20.68 -5.42 -13.27
CA ARG A 118 20.80 -4.86 -14.61
C ARG A 118 21.85 -5.59 -15.37
N ALA A 119 23.04 -5.80 -14.77
CA ALA A 119 24.10 -6.48 -15.56
C ALA A 119 23.76 -7.93 -15.80
N LEU A 120 23.14 -8.59 -14.82
CA LEU A 120 22.77 -9.98 -15.03
C LEU A 120 21.75 -10.14 -16.20
N ILE A 121 20.71 -9.27 -16.26
CA ILE A 121 19.63 -9.39 -17.22
C ILE A 121 20.11 -8.92 -18.59
N ALA A 122 20.94 -7.88 -18.65
CA ALA A 122 21.58 -7.51 -19.90
C ALA A 122 22.41 -8.65 -20.57
N GLU A 123 23.14 -9.42 -19.80
CA GLU A 123 23.78 -10.57 -20.41
C GLU A 123 22.74 -11.60 -20.88
N LYS A 124 21.60 -11.73 -20.21
CA LYS A 124 20.63 -12.75 -20.64
C LYS A 124 19.86 -12.30 -21.87
N GLY A 125 19.66 -11.00 -22.02
CA GLY A 125 18.89 -10.46 -23.13
C GLY A 125 19.68 -10.40 -24.44
N ASP A 126 18.99 -10.29 -25.56
CA ASP A 126 19.68 -10.28 -26.79
C ASP A 126 19.58 -8.89 -27.42
N SER A 127 20.61 -8.09 -27.23
CA SER A 127 20.59 -6.69 -27.65
C SER A 127 20.84 -6.56 -29.17
N THR A 128 21.00 -7.69 -29.83
CA THR A 128 21.03 -7.77 -31.30
C THR A 128 19.67 -7.54 -32.01
N ILE A 129 18.57 -7.61 -31.28
CA ILE A 129 17.25 -7.33 -31.80
C ILE A 129 17.01 -5.82 -31.72
N ALA A 130 17.14 -5.14 -32.86
CA ALA A 130 16.89 -3.68 -33.00
C ALA A 130 15.54 -3.21 -32.50
N ASP A 131 14.47 -3.79 -33.07
CA ASP A 131 13.12 -3.36 -32.76
C ASP A 131 12.19 -4.55 -32.65
N PRO A 132 12.01 -5.06 -31.43
CA PRO A 132 11.18 -6.24 -31.23
C PRO A 132 9.78 -6.00 -31.78
N GLN A 133 9.30 -6.88 -32.63
CA GLN A 133 7.97 -6.68 -33.15
C GLN A 133 6.96 -7.64 -32.53
N THR A 134 7.40 -8.84 -32.17
CA THR A 134 6.52 -9.79 -31.55
C THR A 134 6.67 -9.78 -30.05
N PHE A 135 5.74 -10.47 -29.37
CA PHE A 135 5.81 -10.65 -27.94
C PHE A 135 7.09 -11.45 -27.61
N GLU A 136 7.32 -12.52 -28.36
CA GLU A 136 8.57 -13.30 -28.20
C GLU A 136 9.83 -12.45 -28.35
N GLU A 137 9.96 -11.70 -29.43
CA GLU A 137 11.12 -10.86 -29.62
C GLU A 137 11.28 -9.88 -28.46
N GLN A 138 10.18 -9.22 -28.05
CA GLN A 138 10.27 -8.37 -26.86
C GLN A 138 10.86 -9.10 -25.63
N ALA A 139 10.42 -10.31 -25.37
CA ALA A 139 10.89 -10.99 -24.20
C ALA A 139 12.36 -11.42 -24.39
N LEU A 140 12.73 -11.91 -25.57
CA LEU A 140 14.14 -12.32 -25.73
C LEU A 140 15.05 -11.10 -25.64
N ARG A 141 14.58 -9.95 -26.08
CA ARG A 141 15.37 -8.74 -26.03
C ARG A 141 15.66 -8.27 -24.59
N PHE A 142 14.64 -8.25 -23.70
CA PHE A 142 14.73 -7.58 -22.38
C PHE A 142 14.77 -8.46 -21.14
N ILE A 143 14.26 -9.69 -21.19
CA ILE A 143 14.30 -10.52 -20.00
C ILE A 143 15.02 -11.84 -20.17
N GLY A 144 15.17 -12.33 -21.40
CA GLY A 144 15.97 -13.55 -21.70
C GLY A 144 15.13 -14.82 -21.77
N LYS A 145 15.69 -15.86 -22.36
CA LYS A 145 14.96 -17.12 -22.57
C LYS A 145 14.40 -17.69 -21.27
N GLU A 146 15.19 -17.66 -20.22
CA GLU A 146 14.78 -18.33 -18.97
C GLU A 146 13.53 -17.76 -18.31
N LEU A 147 13.56 -16.46 -17.99
CA LEU A 147 12.40 -15.75 -17.47
C LEU A 147 11.23 -15.83 -18.44
N TYR A 148 11.47 -15.60 -19.73
CA TYR A 148 10.44 -15.71 -20.73
C TYR A 148 9.64 -16.99 -20.59
N GLU A 149 10.30 -18.13 -20.62
CA GLU A 149 9.66 -19.43 -20.64
C GLU A 149 9.01 -19.83 -19.33
N ALA A 150 9.58 -19.34 -18.25
CA ALA A 150 9.07 -19.60 -16.93
C ALA A 150 7.78 -18.80 -16.67
N PHE A 151 7.78 -17.48 -16.92
CA PHE A 151 6.69 -16.59 -16.51
C PHE A 151 5.77 -16.15 -17.61
N PHE A 152 6.15 -16.26 -18.89
CA PHE A 152 5.34 -15.58 -19.90
C PHE A 152 4.78 -16.43 -21.03
N LYS A 153 5.55 -17.41 -21.45
CA LYS A 153 5.20 -18.16 -22.62
C LYS A 153 3.93 -18.96 -22.35
N GLY A 154 3.93 -19.72 -21.27
CA GLY A 154 2.78 -20.61 -21.05
C GLY A 154 1.57 -19.76 -20.80
N TYR A 155 1.76 -18.71 -20.00
CA TYR A 155 0.69 -17.84 -19.57
C TYR A 155 0.03 -17.22 -20.80
N THR A 156 0.84 -16.68 -21.73
CA THR A 156 0.42 -15.92 -22.88
C THR A 156 -0.33 -16.82 -23.81
N ILE A 157 0.15 -18.04 -23.94
CA ILE A 157 -0.51 -19.04 -24.76
C ILE A 157 -1.89 -19.36 -24.21
N LYS A 158 -1.98 -19.49 -22.89
CA LYS A 158 -3.26 -19.78 -22.30
C LYS A 158 -4.22 -18.63 -22.51
N GLN A 159 -3.72 -17.42 -22.25
CA GLN A 159 -4.56 -16.29 -22.29
C GLN A 159 -5.05 -15.97 -23.70
N TRP A 160 -4.19 -16.17 -24.69
CA TRP A 160 -4.46 -15.66 -26.06
C TRP A 160 -4.68 -16.73 -27.09
N GLY A 161 -4.47 -18.00 -26.76
CA GLY A 161 -4.67 -19.06 -27.75
C GLY A 161 -3.83 -18.93 -28.99
N MET A 162 -2.63 -18.40 -28.84
CA MET A 162 -1.66 -18.20 -29.95
C MET A 162 -0.23 -18.25 -29.39
N GLN A 163 0.73 -18.69 -30.20
CA GLN A 163 2.16 -18.64 -29.85
C GLN A 163 2.54 -17.18 -29.73
N PRO A 164 3.45 -16.86 -28.78
CA PRO A 164 3.92 -15.50 -28.62
C PRO A 164 4.63 -14.90 -29.81
N SER A 165 5.12 -15.70 -30.74
CA SER A 165 5.71 -15.11 -31.90
C SER A 165 4.67 -14.51 -32.85
N GLU A 166 3.39 -14.85 -32.61
CA GLU A 166 2.25 -14.35 -33.39
C GLU A 166 1.59 -13.15 -32.73
N LEU A 167 2.05 -12.78 -31.55
CA LEU A 167 1.37 -11.74 -30.81
C LEU A 167 2.22 -10.52 -30.80
N PRO A 168 1.59 -9.34 -30.72
CA PRO A 168 2.33 -8.08 -30.81
C PRO A 168 3.20 -7.78 -29.60
N ALA A 169 4.30 -7.07 -29.83
CA ALA A 169 5.19 -6.68 -28.74
C ALA A 169 4.54 -5.75 -27.72
N SER A 170 3.61 -4.94 -28.19
CA SER A 170 2.95 -3.97 -27.30
C SER A 170 2.41 -4.61 -26.04
N ILE A 171 1.86 -5.81 -26.14
CA ILE A 171 1.27 -6.47 -24.97
C ILE A 171 2.27 -6.56 -23.83
N LEU A 172 3.54 -6.83 -24.12
CA LEU A 172 4.53 -7.03 -23.08
C LEU A 172 5.27 -5.76 -22.69
N LYS A 173 5.41 -4.86 -23.66
CA LYS A 173 6.00 -3.51 -23.48
C LYS A 173 5.49 -2.81 -22.24
N ARG A 174 4.20 -3.00 -21.96
CA ARG A 174 3.58 -2.37 -20.80
C ARG A 174 4.07 -2.96 -19.46
N LEU A 175 4.89 -4.01 -19.48
CA LEU A 175 5.49 -4.51 -18.21
C LEU A 175 7.05 -4.56 -18.21
N PRO A 176 7.72 -3.39 -18.10
CA PRO A 176 9.19 -3.51 -17.94
C PRO A 176 9.65 -4.18 -16.61
N VAL A 177 10.69 -5.01 -16.70
CA VAL A 177 11.36 -5.51 -15.52
C VAL A 177 11.68 -4.38 -14.48
N ARG A 178 11.47 -4.63 -13.18
CA ARG A 178 11.87 -3.62 -12.17
C ARG A 178 13.15 -4.00 -11.49
N PHE A 179 14.09 -3.06 -11.37
CA PHE A 179 15.36 -3.45 -10.72
C PHE A 179 15.49 -3.04 -9.25
N ASN A 180 14.34 -3.00 -8.57
CA ASN A 180 14.28 -2.81 -7.13
C ASN A 180 13.24 -3.81 -6.60
N TYR A 181 12.72 -3.52 -5.42
CA TYR A 181 11.97 -4.49 -4.62
C TYR A 181 10.49 -4.12 -4.53
N ASP A 182 10.10 -3.12 -5.29
CA ASP A 182 8.73 -2.71 -5.35
C ASP A 182 7.95 -3.83 -6.09
N ASP A 183 6.94 -4.40 -5.45
CA ASP A 183 6.07 -5.41 -6.12
C ASP A 183 4.60 -4.94 -6.27
N ASN A 184 4.40 -3.64 -6.28
CA ASN A 184 3.09 -3.14 -6.63
C ASN A 184 2.85 -3.49 -8.13
N TYR A 185 1.71 -4.08 -8.47
CA TYR A 185 1.44 -4.38 -9.89
C TYR A 185 1.35 -3.14 -10.81
N PHE A 186 0.75 -2.06 -10.31
CA PHE A 186 0.48 -0.84 -11.06
C PHE A 186 1.29 0.35 -10.62
N ASN A 187 2.01 0.97 -11.57
CA ASN A 187 2.77 2.21 -11.33
C ASN A 187 1.95 3.46 -10.99
N HIS A 188 0.63 3.38 -11.02
CA HIS A 188 -0.23 4.56 -10.96
C HIS A 188 -0.15 5.29 -9.65
N LYS A 189 -0.50 6.56 -9.64
CA LYS A 189 -0.38 7.38 -8.46
C LYS A 189 -1.57 7.10 -7.56
N PHE A 190 -2.77 7.09 -8.12
CA PHE A 190 -3.96 6.78 -7.34
C PHE A 190 -4.38 5.32 -7.58
N GLN A 191 -4.66 4.64 -6.48
CA GLN A 191 -4.96 3.23 -6.53
C GLN A 191 -5.79 2.78 -5.33
N GLY A 192 -6.92 2.12 -5.59
CA GLY A 192 -7.73 1.53 -4.54
C GLY A 192 -8.98 0.77 -4.94
N MET A 193 -9.87 0.63 -3.97
CA MET A 193 -11.01 -0.26 -4.00
C MET A 193 -12.13 0.41 -3.23
N PRO A 194 -13.32 0.54 -3.83
CA PRO A 194 -14.44 1.19 -3.17
C PRO A 194 -14.97 0.30 -2.06
N LYS A 195 -15.25 0.91 -0.92
CA LYS A 195 -15.53 0.20 0.30
C LYS A 195 -16.82 -0.57 0.21
N CYS A 196 -17.84 0.05 -0.37
CA CYS A 196 -19.10 -0.65 -0.58
C CYS A 196 -19.24 -1.34 -1.96
N GLY A 197 -18.13 -1.37 -2.72
CA GLY A 197 -18.06 -1.98 -4.03
C GLY A 197 -18.56 -1.10 -5.16
N TYR A 198 -18.26 -1.53 -6.40
CA TYR A 198 -18.56 -0.72 -7.58
C TYR A 198 -20.05 -0.56 -7.89
N THR A 199 -20.88 -1.52 -7.49
CA THR A 199 -22.32 -1.40 -7.66
C THR A 199 -22.90 -0.18 -6.89
N GLN A 200 -22.65 -0.18 -5.58
CA GLN A 200 -23.06 0.96 -4.75
C GLN A 200 -22.51 2.23 -5.36
N MET A 201 -21.24 2.20 -5.79
CA MET A 201 -20.66 3.36 -6.42
C MET A 201 -21.44 3.82 -7.66
N ILE A 202 -21.85 2.88 -8.50
CA ILE A 202 -22.51 3.25 -9.73
C ILE A 202 -23.96 3.64 -9.41
N LYS A 203 -24.54 2.98 -8.44
CA LYS A 203 -25.84 3.38 -7.92
C LYS A 203 -25.80 4.86 -7.52
N SER A 204 -24.73 5.27 -6.86
CA SER A 204 -24.65 6.64 -6.44
C SER A 204 -24.59 7.54 -7.64
N ILE A 205 -23.82 7.16 -8.68
CA ILE A 205 -23.70 7.98 -9.88
C ILE A 205 -25.08 8.13 -10.52
N LEU A 206 -25.89 7.09 -10.38
CA LEU A 206 -27.18 6.99 -11.10
C LEU A 206 -28.33 7.72 -10.37
N ASN A 207 -28.06 8.14 -9.14
CA ASN A 207 -29.06 8.66 -8.19
C ASN A 207 -29.24 10.17 -8.35
N HIS A 208 -29.92 10.54 -9.42
CA HIS A 208 -30.19 11.92 -9.65
C HIS A 208 -31.66 12.03 -10.04
N GLU A 209 -32.15 13.28 -10.05
CA GLU A 209 -33.57 13.56 -10.23
C GLU A 209 -34.05 13.10 -11.62
N ASN A 210 -33.31 13.49 -12.65
CA ASN A 210 -33.71 13.31 -14.06
C ASN A 210 -33.38 11.93 -14.68
N ILE A 211 -33.11 10.92 -13.86
CA ILE A 211 -32.66 9.65 -14.43
C ILE A 211 -33.56 8.51 -14.04
N LYS A 212 -34.06 7.80 -15.04
CA LYS A 212 -34.86 6.61 -14.81
C LYS A 212 -34.10 5.42 -15.42
N VAL A 213 -34.04 4.32 -14.68
CA VAL A 213 -33.26 3.18 -15.10
C VAL A 213 -34.23 2.03 -15.27
N ASP A 214 -34.24 1.42 -16.46
CA ASP A 214 -35.04 0.25 -16.66
C ASP A 214 -34.16 -0.99 -16.92
N LEU A 215 -34.22 -1.97 -16.03
CA LEU A 215 -33.41 -3.17 -16.18
C LEU A 215 -34.16 -4.31 -16.85
N GLN A 216 -33.43 -5.36 -17.25
CA GLN A 216 -34.00 -6.44 -18.08
C GLN A 216 -34.70 -5.92 -19.32
N ARG A 217 -34.08 -4.95 -20.00
CA ARG A 217 -34.67 -4.34 -21.16
C ARG A 217 -33.66 -4.19 -22.28
N GLU A 218 -33.91 -4.90 -23.37
CA GLU A 218 -33.04 -4.86 -24.53
C GLU A 218 -33.26 -3.60 -25.28
N PHE A 219 -32.24 -3.14 -25.99
CA PHE A 219 -32.45 -2.07 -26.95
C PHE A 219 -33.25 -2.55 -28.17
N ILE A 220 -34.17 -1.72 -28.66
CA ILE A 220 -34.93 -1.94 -29.92
C ILE A 220 -34.78 -0.72 -30.83
N VAL A 221 -34.41 -0.93 -32.08
CA VAL A 221 -34.05 0.17 -33.01
C VAL A 221 -35.13 1.26 -33.19
N ASP A 222 -36.38 0.90 -32.93
CA ASP A 222 -37.53 1.79 -33.11
C ASP A 222 -37.60 2.88 -32.05
N GLU A 223 -36.86 2.66 -30.98
CA GLU A 223 -36.74 3.65 -29.93
C GLU A 223 -36.05 4.92 -30.41
N ARG A 224 -35.16 4.85 -31.40
CA ARG A 224 -34.35 6.03 -31.78
C ARG A 224 -35.24 7.30 -31.87
N THR A 225 -36.27 7.20 -32.71
CA THR A 225 -37.24 8.26 -33.00
C THR A 225 -37.77 9.03 -31.81
N HIS A 226 -37.87 8.38 -30.63
CA HIS A 226 -38.38 9.07 -29.44
C HIS A 226 -37.38 9.98 -28.77
N TYR A 227 -36.15 10.09 -29.29
CA TYR A 227 -35.17 10.82 -28.54
C TYR A 227 -34.37 11.77 -29.36
N ASP A 228 -33.86 12.78 -28.66
CA ASP A 228 -33.01 13.79 -29.24
C ASP A 228 -31.65 13.22 -29.54
N HIS A 229 -31.25 12.20 -28.78
CA HIS A 229 -29.94 11.51 -28.94
C HIS A 229 -29.81 10.18 -28.16
N VAL A 230 -29.13 9.22 -28.79
CA VAL A 230 -28.83 7.92 -28.16
C VAL A 230 -27.34 7.71 -27.90
N PHE A 231 -26.99 7.39 -26.64
CA PHE A 231 -25.64 6.98 -26.27
C PHE A 231 -25.66 5.50 -26.10
N TYR A 232 -24.81 4.84 -26.90
CA TYR A 232 -24.80 3.39 -27.02
C TYR A 232 -23.43 2.79 -26.67
N SER A 233 -23.44 1.89 -25.72
CA SER A 233 -22.22 1.31 -25.21
C SER A 233 -22.32 -0.23 -25.26
N GLY A 234 -23.37 -0.72 -25.91
CA GLY A 234 -23.42 -2.12 -26.32
C GLY A 234 -22.42 -2.37 -27.44
N PRO A 235 -22.23 -3.65 -27.79
CA PRO A 235 -21.29 -4.08 -28.82
C PRO A 235 -21.66 -3.46 -30.18
N LEU A 236 -20.68 -2.98 -30.92
CA LEU A 236 -20.97 -2.32 -32.16
C LEU A 236 -21.54 -3.31 -33.18
N ASP A 237 -20.99 -4.52 -33.26
CA ASP A 237 -21.45 -5.50 -34.26
C ASP A 237 -22.89 -5.99 -34.01
N ALA A 238 -23.22 -6.14 -32.73
CA ALA A 238 -24.57 -6.46 -32.32
C ALA A 238 -25.60 -5.39 -32.78
N PHE A 239 -25.27 -4.11 -32.60
CA PHE A 239 -26.17 -3.05 -33.07
C PHE A 239 -26.50 -3.33 -34.53
N TYR A 240 -25.53 -3.76 -35.31
CA TYR A 240 -25.78 -3.98 -36.71
C TYR A 240 -26.06 -5.41 -36.97
N GLY A 241 -26.71 -6.05 -36.01
CA GLY A 241 -27.22 -7.41 -36.21
C GLY A 241 -26.16 -8.43 -36.54
N TYR A 242 -24.90 -8.12 -36.29
CA TYR A 242 -23.77 -9.03 -36.60
C TYR A 242 -23.75 -9.40 -38.07
N GLN A 243 -24.16 -8.47 -38.93
CA GLN A 243 -24.44 -8.81 -40.30
C GLN A 243 -23.18 -9.14 -41.11
N TYR A 244 -22.02 -8.64 -40.68
CA TYR A 244 -20.77 -8.96 -41.37
C TYR A 244 -19.98 -10.06 -40.72
N GLY A 245 -20.43 -10.53 -39.57
CA GLY A 245 -19.65 -11.41 -38.67
C GLY A 245 -19.46 -10.83 -37.25
N ARG A 246 -19.01 -11.66 -36.33
CA ARG A 246 -18.77 -11.26 -34.96
C ARG A 246 -17.35 -10.79 -34.75
N LEU A 247 -17.18 -9.63 -34.14
CA LEU A 247 -15.84 -9.21 -33.73
C LEU A 247 -15.18 -10.27 -32.81
N GLY A 248 -13.91 -10.57 -33.04
CA GLY A 248 -13.17 -11.50 -32.22
C GLY A 248 -12.83 -11.10 -30.79
N TYR A 249 -13.07 -12.01 -29.86
CA TYR A 249 -12.85 -11.75 -28.43
C TYR A 249 -12.27 -12.97 -27.78
N ARG A 250 -11.57 -12.81 -26.67
CA ARG A 250 -11.25 -13.95 -25.80
C ARG A 250 -12.33 -13.92 -24.75
N THR A 251 -12.82 -15.09 -24.31
CA THR A 251 -13.74 -15.14 -23.19
C THR A 251 -13.14 -15.77 -21.95
N LEU A 252 -13.85 -15.69 -20.83
CA LEU A 252 -13.37 -16.27 -19.57
C LEU A 252 -14.48 -17.09 -18.91
N ASP A 253 -14.11 -18.22 -18.36
CA ASP A 253 -14.97 -19.01 -17.47
C ASP A 253 -14.49 -18.85 -16.09
N PHE A 254 -15.39 -18.43 -15.22
CA PHE A 254 -15.03 -18.26 -13.84
C PHE A 254 -15.62 -19.40 -13.11
N LYS A 255 -14.79 -20.24 -12.53
CA LYS A 255 -15.26 -21.46 -11.91
C LYS A 255 -15.21 -21.38 -10.38
N LYS A 256 -16.40 -21.26 -9.81
CA LYS A 256 -16.61 -20.89 -8.40
C LYS A 256 -16.35 -22.03 -7.47
N PHE A 257 -15.77 -21.71 -6.31
CA PHE A 257 -15.77 -22.64 -5.19
C PHE A 257 -15.49 -21.97 -3.89
N ILE A 258 -15.90 -22.65 -2.82
CA ILE A 258 -15.87 -22.10 -1.50
C ILE A 258 -14.91 -22.87 -0.61
N TYR A 259 -14.15 -22.16 0.22
CA TYR A 259 -13.22 -22.82 1.14
C TYR A 259 -13.45 -22.24 2.54
N GLN A 260 -13.29 -23.09 3.55
CA GLN A 260 -13.52 -22.63 4.94
C GLN A 260 -12.19 -22.25 5.52
N GLY A 261 -11.86 -20.99 5.35
CA GLY A 261 -10.52 -20.51 5.64
C GLY A 261 -9.88 -19.68 4.54
N ASP A 262 -8.55 -19.61 4.57
CA ASP A 262 -7.76 -18.87 3.61
C ASP A 262 -7.25 -19.87 2.59
N TYR A 263 -7.82 -19.83 1.39
CA TYR A 263 -7.44 -20.84 0.42
C TYR A 263 -6.03 -20.63 -0.15
N GLN A 264 -5.68 -19.38 -0.46
CA GLN A 264 -4.36 -19.13 -1.10
C GLN A 264 -3.57 -18.06 -0.36
N GLY A 265 -4.25 -17.15 0.31
CA GLY A 265 -3.61 -16.12 1.10
C GLY A 265 -3.31 -14.86 0.33
N CYS A 266 -3.88 -14.68 -0.86
CA CYS A 266 -3.73 -13.42 -1.57
C CYS A 266 -4.88 -13.32 -2.53
N ALA A 267 -5.08 -12.11 -3.03
CA ALA A 267 -6.17 -11.87 -3.95
C ALA A 267 -5.96 -12.68 -5.22
N VAL A 268 -4.75 -12.67 -5.76
CA VAL A 268 -4.50 -13.11 -7.13
C VAL A 268 -3.29 -14.02 -7.18
N MET A 269 -3.44 -15.19 -7.78
CA MET A 269 -2.30 -16.12 -7.97
C MET A 269 -2.30 -16.62 -9.41
N ASN A 270 -1.29 -16.21 -10.17
CA ASN A 270 -1.08 -16.61 -11.56
C ASN A 270 -0.44 -17.98 -11.62
N TYR A 271 -0.86 -18.81 -12.57
CA TYR A 271 -0.25 -20.08 -12.86
C TYR A 271 0.38 -20.02 -14.23
N CYS A 272 1.69 -19.95 -14.27
CA CYS A 272 2.41 -19.56 -15.50
C CYS A 272 2.73 -20.72 -16.45
N SER A 273 2.62 -21.92 -15.93
CA SER A 273 2.79 -23.12 -16.72
C SER A 273 1.63 -23.33 -17.70
N VAL A 274 1.97 -23.63 -18.96
CA VAL A 274 0.98 -23.89 -19.99
C VAL A 274 0.24 -25.16 -19.60
N ASP A 275 0.80 -25.89 -18.66
CA ASP A 275 0.28 -27.17 -18.31
C ASP A 275 -0.59 -27.16 -17.07
N VAL A 276 -0.93 -25.99 -16.55
CA VAL A 276 -2.00 -25.88 -15.57
C VAL A 276 -3.14 -25.15 -16.33
N PRO A 277 -4.37 -25.71 -16.34
CA PRO A 277 -5.33 -25.24 -17.36
C PRO A 277 -5.90 -23.86 -17.10
N TYR A 278 -5.93 -23.41 -15.86
CA TYR A 278 -6.43 -22.04 -15.61
C TYR A 278 -5.26 -21.06 -15.66
N THR A 279 -5.50 -19.82 -16.08
CA THR A 279 -4.47 -18.84 -16.01
C THR A 279 -4.25 -18.47 -14.58
N ARG A 280 -5.33 -18.28 -13.82
CA ARG A 280 -5.14 -17.96 -12.39
C ARG A 280 -6.27 -18.35 -11.43
N ILE A 281 -5.99 -18.19 -10.13
CA ILE A 281 -7.01 -18.35 -9.15
C ILE A 281 -7.11 -17.07 -8.36
N THR A 282 -8.34 -16.55 -8.26
CA THR A 282 -8.59 -15.36 -7.47
C THR A 282 -9.36 -15.68 -6.19
N GLU A 283 -8.98 -15.03 -5.09
CA GLU A 283 -9.67 -15.23 -3.80
C GLU A 283 -10.20 -13.88 -3.32
N HIS A 284 -11.48 -13.63 -3.55
CA HIS A 284 -12.09 -12.28 -3.59
C HIS A 284 -12.07 -11.49 -2.28
N LYS A 285 -11.97 -12.16 -1.16
CA LYS A 285 -11.96 -11.47 0.14
C LYS A 285 -10.71 -10.64 0.33
N TYR A 286 -9.58 -11.11 -0.20
CA TYR A 286 -8.41 -10.27 -0.15
C TYR A 286 -8.58 -8.98 -0.88
N PHE A 287 -9.56 -8.83 -1.78
CA PHE A 287 -9.82 -7.49 -2.36
C PHE A 287 -10.50 -6.56 -1.37
N SER A 288 -10.90 -7.11 -0.22
CA SER A 288 -11.56 -6.34 0.88
C SER A 288 -10.82 -6.60 2.17
N PRO A 289 -9.52 -6.25 2.23
CA PRO A 289 -8.73 -6.65 3.40
C PRO A 289 -9.21 -5.99 4.69
N TRP A 290 -9.90 -4.85 4.58
CA TRP A 290 -10.51 -4.17 5.73
C TRP A 290 -11.77 -4.87 6.24
N GLU A 291 -12.06 -6.08 5.75
CA GLU A 291 -13.22 -6.86 6.20
C GLU A 291 -12.69 -8.20 6.69
N GLN A 292 -13.53 -8.98 7.35
CA GLN A 292 -13.12 -10.25 7.92
C GLN A 292 -14.14 -11.29 7.54
N HIS A 293 -13.67 -12.41 7.00
CA HIS A 293 -14.58 -13.46 6.56
C HIS A 293 -13.92 -14.77 6.83
N ASP A 294 -14.72 -15.75 7.19
CA ASP A 294 -14.18 -17.05 7.56
C ASP A 294 -14.21 -17.99 6.35
N GLY A 295 -15.33 -18.00 5.67
CA GLY A 295 -15.44 -18.69 4.39
C GLY A 295 -14.97 -17.80 3.25
N SER A 296 -14.41 -18.42 2.20
CA SER A 296 -13.84 -17.69 1.08
C SER A 296 -14.44 -18.12 -0.21
N VAL A 297 -14.90 -17.16 -1.00
CA VAL A 297 -15.21 -17.45 -2.37
C VAL A 297 -13.92 -17.38 -3.22
N CYS A 298 -13.67 -18.43 -4.05
CA CYS A 298 -12.53 -18.49 -4.97
C CYS A 298 -12.97 -18.79 -6.38
N TYR A 299 -12.16 -18.38 -7.37
CA TYR A 299 -12.38 -18.65 -8.77
C TYR A 299 -11.13 -19.15 -9.45
N LYS A 300 -11.31 -20.21 -10.23
CA LYS A 300 -10.35 -20.58 -11.24
C LYS A 300 -10.80 -19.93 -12.55
N GLU A 301 -9.89 -19.27 -13.26
CA GLU A 301 -10.24 -18.59 -14.54
C GLU A 301 -9.70 -19.34 -15.75
N TYR A 302 -10.53 -19.57 -16.74
CA TYR A 302 -10.00 -20.16 -17.94
C TYR A 302 -10.27 -19.26 -19.10
N SER A 303 -9.31 -19.16 -20.02
CA SER A 303 -9.42 -18.30 -21.19
C SER A 303 -9.68 -19.22 -22.41
N ARG A 304 -10.56 -18.79 -23.32
CA ARG A 304 -10.80 -19.48 -24.55
C ARG A 304 -11.45 -18.50 -25.52
N ALA A 305 -11.55 -18.89 -26.79
CA ALA A 305 -12.16 -18.14 -27.85
C ALA A 305 -13.57 -17.81 -27.42
N CYS A 306 -14.01 -16.55 -27.58
CA CYS A 306 -15.39 -16.20 -27.34
C CYS A 306 -16.30 -16.71 -28.49
N GLU A 307 -17.30 -17.52 -28.12
CA GLU A 307 -18.29 -18.05 -29.04
C GLU A 307 -19.63 -17.25 -29.00
N GLU A 308 -20.52 -17.50 -29.96
CA GLU A 308 -21.83 -16.82 -30.13
C GLU A 308 -22.52 -16.40 -28.80
N ASN A 309 -22.58 -17.30 -27.82
CA ASN A 309 -23.26 -16.94 -26.57
C ASN A 309 -22.39 -16.55 -25.35
N ASP A 310 -21.07 -16.49 -25.48
CA ASP A 310 -20.20 -16.16 -24.35
C ASP A 310 -20.22 -14.64 -24.12
N ILE A 311 -19.75 -14.19 -22.96
CA ILE A 311 -19.54 -12.79 -22.71
C ILE A 311 -18.18 -12.45 -23.28
N PRO A 312 -18.10 -11.39 -24.10
CA PRO A 312 -16.86 -10.93 -24.64
C PRO A 312 -16.08 -10.20 -23.56
N TYR A 313 -14.85 -10.62 -23.29
CA TYR A 313 -13.98 -9.88 -22.39
C TYR A 313 -12.82 -9.13 -23.07
N TYR A 314 -11.91 -9.85 -23.72
CA TYR A 314 -10.75 -9.21 -24.38
C TYR A 314 -10.83 -9.24 -25.88
N PRO A 315 -10.82 -8.05 -26.47
CA PRO A 315 -10.80 -7.89 -27.94
C PRO A 315 -9.50 -8.45 -28.50
N ILE A 316 -9.51 -9.22 -29.56
CA ILE A 316 -8.23 -9.69 -30.14
C ILE A 316 -7.48 -8.60 -30.93
N ARG A 317 -8.17 -7.94 -31.86
CA ARG A 317 -7.68 -6.72 -32.56
C ARG A 317 -6.49 -6.99 -33.46
N GLN A 318 -6.56 -8.04 -34.25
CA GLN A 318 -5.55 -8.24 -35.31
C GLN A 318 -6.16 -7.90 -36.65
N MET A 319 -5.43 -8.15 -37.74
CA MET A 319 -5.81 -7.55 -39.02
C MET A 319 -7.26 -7.83 -39.41
N GLY A 320 -7.63 -9.12 -39.42
CA GLY A 320 -9.00 -9.57 -39.76
C GLY A 320 -10.13 -8.93 -38.95
N GLU A 321 -9.92 -8.93 -37.64
CA GLU A 321 -10.82 -8.29 -36.72
C GLU A 321 -10.87 -6.79 -36.96
N MET A 322 -9.74 -6.18 -37.27
CA MET A 322 -9.77 -4.76 -37.62
C MET A 322 -10.44 -4.49 -39.03
N ALA A 323 -10.18 -5.38 -39.98
CA ALA A 323 -10.92 -5.37 -41.24
C ALA A 323 -12.44 -5.33 -40.97
N LEU A 324 -12.93 -6.34 -40.24
CA LEU A 324 -14.31 -6.42 -39.82
C LEU A 324 -14.78 -5.16 -39.09
N LEU A 325 -13.94 -4.64 -38.22
CA LEU A 325 -14.34 -3.48 -37.50
C LEU A 325 -14.61 -2.35 -38.50
N GLU A 326 -13.70 -2.21 -39.48
CA GLU A 326 -13.86 -1.16 -40.51
C GLU A 326 -15.23 -1.23 -41.23
N LYS A 327 -15.66 -2.43 -41.55
CA LYS A 327 -16.97 -2.57 -42.14
C LYS A 327 -18.11 -1.98 -41.28
N TYR A 328 -18.04 -2.18 -39.97
CA TYR A 328 -19.05 -1.61 -39.09
C TYR A 328 -18.82 -0.14 -38.83
N LEU A 329 -17.57 0.29 -38.81
CA LEU A 329 -17.33 1.71 -38.73
C LEU A 329 -17.94 2.45 -39.90
N SER A 330 -17.74 1.91 -41.11
CA SER A 330 -18.19 2.59 -42.31
C SER A 330 -19.71 2.81 -42.29
N LEU A 331 -20.49 1.89 -41.74
CA LEU A 331 -21.86 2.32 -41.62
C LEU A 331 -22.32 3.00 -40.32
N ALA A 332 -21.52 2.89 -39.25
CA ALA A 332 -21.73 3.72 -38.07
C ALA A 332 -21.49 5.18 -38.42
N GLU A 333 -20.59 5.41 -39.35
CA GLU A 333 -20.29 6.75 -39.84
C GLU A 333 -21.49 7.40 -40.52
N ASN A 334 -22.43 6.58 -41.01
CA ASN A 334 -23.65 7.05 -41.66
C ASN A 334 -24.90 7.25 -40.77
N GLU A 335 -24.71 7.29 -39.45
CA GLU A 335 -25.82 7.42 -38.52
C GLU A 335 -25.97 8.89 -38.06
N THR A 336 -27.16 9.23 -37.62
CA THR A 336 -27.47 10.65 -37.48
C THR A 336 -27.50 11.12 -36.03
N ASN A 337 -28.25 10.43 -35.16
CA ASN A 337 -28.43 10.97 -33.80
C ASN A 337 -27.97 10.01 -32.68
N ILE A 338 -26.81 9.39 -32.92
CA ILE A 338 -26.30 8.33 -32.06
C ILE A 338 -24.83 8.48 -31.81
N THR A 339 -24.38 7.98 -30.68
CA THR A 339 -22.98 7.96 -30.34
C THR A 339 -22.68 6.63 -29.67
N PHE A 340 -21.77 5.88 -30.28
CA PHE A 340 -21.22 4.66 -29.72
C PHE A 340 -20.09 5.02 -28.79
N VAL A 341 -20.16 4.43 -27.60
CA VAL A 341 -19.12 4.64 -26.64
C VAL A 341 -18.67 3.30 -25.99
N GLY A 342 -17.61 3.37 -25.18
CA GLY A 342 -17.24 2.29 -24.29
C GLY A 342 -16.48 1.19 -24.99
N ARG A 343 -16.01 0.26 -24.17
CA ARG A 343 -15.23 -0.85 -24.63
C ARG A 343 -15.96 -1.63 -25.72
N LEU A 344 -17.26 -1.85 -25.54
CA LEU A 344 -18.03 -2.66 -26.51
C LEU A 344 -18.38 -1.88 -27.72
N GLY A 345 -18.68 -0.59 -27.49
CA GLY A 345 -19.13 0.32 -28.55
C GLY A 345 -18.00 0.60 -29.50
N THR A 346 -16.78 0.57 -28.99
CA THR A 346 -15.66 0.92 -29.85
C THR A 346 -14.60 -0.19 -29.99
N TYR A 347 -14.86 -1.37 -29.42
CA TYR A 347 -13.97 -2.52 -29.61
C TYR A 347 -12.57 -2.25 -29.07
N ARG A 348 -12.46 -1.60 -27.93
CA ARG A 348 -11.18 -1.40 -27.29
C ARG A 348 -11.22 -1.95 -25.89
N TYR A 349 -10.08 -2.37 -25.39
CA TYR A 349 -10.01 -2.56 -23.97
C TYR A 349 -9.80 -1.20 -23.30
N LEU A 350 -10.50 -0.96 -22.19
CA LEU A 350 -10.47 0.30 -21.49
C LEU A 350 -10.60 0.07 -20.02
N ASP A 351 -9.69 0.62 -19.23
CA ASP A 351 -9.79 0.53 -17.78
C ASP A 351 -10.94 1.39 -17.30
N MET A 352 -11.26 1.26 -16.03
CA MET A 352 -12.32 2.07 -15.46
C MET A 352 -12.01 3.56 -15.49
N ASP A 353 -10.83 3.94 -15.08
CA ASP A 353 -10.53 5.38 -15.06
C ASP A 353 -10.61 5.96 -16.47
N VAL A 354 -10.01 5.26 -17.45
CA VAL A 354 -10.08 5.73 -18.83
C VAL A 354 -11.52 5.82 -19.34
N THR A 355 -12.36 4.87 -18.95
CA THR A 355 -13.73 4.82 -19.42
C THR A 355 -14.49 6.03 -18.90
N ILE A 356 -14.27 6.31 -17.62
CA ILE A 356 -14.89 7.43 -16.95
C ILE A 356 -14.42 8.75 -17.58
N ALA A 357 -13.14 8.86 -17.94
CA ALA A 357 -12.64 10.09 -18.53
C ALA A 357 -13.30 10.34 -19.87
N GLU A 358 -13.52 9.26 -20.62
CA GLU A 358 -14.09 9.38 -21.95
C GLU A 358 -15.54 9.75 -21.90
N ALA A 359 -16.23 9.25 -20.87
CA ALA A 359 -17.63 9.59 -20.64
C ALA A 359 -17.81 11.06 -20.24
N LEU A 360 -16.88 11.59 -19.44
CA LEU A 360 -16.88 13.01 -19.11
C LEU A 360 -16.66 13.83 -20.35
N LYS A 361 -15.77 13.37 -21.21
CA LYS A 361 -15.49 14.07 -22.44
C LYS A 361 -16.73 14.03 -23.35
N THR A 362 -17.40 12.89 -23.38
CA THR A 362 -18.48 12.66 -24.34
C THR A 362 -19.67 13.52 -23.95
N ALA A 363 -19.97 13.57 -22.65
CA ALA A 363 -21.02 14.47 -22.14
C ALA A 363 -20.70 15.96 -22.39
N GLU A 364 -19.43 16.33 -22.21
CA GLU A 364 -18.96 17.70 -22.43
C GLU A 364 -19.27 18.03 -23.89
N VAL A 365 -18.82 17.15 -24.79
CA VAL A 365 -18.92 17.38 -26.21
C VAL A 365 -20.34 17.55 -26.68
N TYR A 366 -21.28 16.81 -26.09
CA TYR A 366 -22.66 16.91 -26.50
C TYR A 366 -23.35 18.14 -25.95
N LEU A 367 -22.85 18.66 -24.84
CA LEU A 367 -23.38 19.91 -24.33
C LEU A 367 -22.75 21.03 -25.15
N ASN A 368 -21.42 21.03 -25.24
CA ASN A 368 -20.76 21.98 -26.12
C ASN A 368 -21.47 22.11 -27.48
N SER A 369 -22.05 21.02 -27.97
CA SER A 369 -22.63 21.02 -29.31
C SER A 369 -24.11 21.45 -29.36
N LEU A 370 -24.77 21.47 -28.21
CA LEU A 370 -26.11 22.04 -28.12
C LEU A 370 -26.06 23.58 -28.14
N THR A 371 -25.20 24.15 -27.30
CA THR A 371 -24.97 25.60 -27.26
C THR A 371 -24.50 26.12 -28.63
N ASP A 372 -23.98 25.25 -29.49
CA ASP A 372 -23.48 25.72 -30.77
C ASP A 372 -24.29 25.23 -31.97
N ASN A 373 -25.45 24.63 -31.70
CA ASN A 373 -26.31 24.01 -32.71
C ASN A 373 -25.45 23.46 -33.86
N GLN A 374 -24.54 22.52 -33.51
CA GLN A 374 -23.72 21.74 -34.47
C GLN A 374 -24.09 20.24 -34.36
N PRO A 375 -23.56 19.39 -35.27
CA PRO A 375 -23.94 17.98 -35.10
C PRO A 375 -22.99 17.22 -34.15
N MET A 376 -23.59 16.48 -33.20
CA MET A 376 -22.85 15.58 -32.32
C MET A 376 -22.35 14.35 -33.10
N PRO A 377 -21.01 14.14 -33.16
CA PRO A 377 -20.52 13.01 -33.94
C PRO A 377 -20.89 11.66 -33.32
N VAL A 378 -20.58 10.60 -34.08
CA VAL A 378 -20.91 9.26 -33.68
C VAL A 378 -19.90 8.66 -32.70
N PHE A 379 -18.63 9.04 -32.88
CA PHE A 379 -17.58 8.75 -31.93
C PHE A 379 -17.01 10.04 -31.39
N THR A 380 -16.65 10.03 -30.11
CA THR A 380 -15.90 11.16 -29.52
C THR A 380 -14.44 10.79 -29.25
N VAL A 381 -13.97 9.73 -29.89
CA VAL A 381 -12.65 9.22 -29.66
C VAL A 381 -12.20 8.69 -31.00
N SER A 382 -10.90 8.45 -31.18
CA SER A 382 -10.42 7.88 -32.47
C SER A 382 -10.55 6.37 -32.52
N VAL A 383 -10.96 5.87 -33.68
CA VAL A 383 -11.24 4.45 -33.87
C VAL A 383 -10.67 3.85 -35.21
N GLY A 384 -10.31 4.70 -36.18
CA GLY A 384 -9.83 4.25 -37.52
C GLY A 384 -8.36 3.84 -37.64
N LYS B 2 -5.80 31.46 35.57
CA LYS B 2 -4.33 31.62 35.76
C LYS B 2 -3.57 30.77 34.73
N SER B 3 -2.63 31.39 34.04
CA SER B 3 -1.68 30.66 33.25
C SER B 3 -0.58 30.18 34.17
N LYS B 4 -0.15 28.94 33.97
CA LYS B 4 0.92 28.38 34.73
C LYS B 4 2.20 28.55 33.97
N LYS B 5 3.31 28.65 34.69
CA LYS B 5 4.62 28.51 34.09
C LYS B 5 4.97 27.03 34.00
N ILE B 6 5.20 26.56 32.77
CA ILE B 6 5.50 25.15 32.52
C ILE B 6 6.89 24.99 31.90
N LEU B 7 7.76 24.18 32.53
CA LEU B 7 9.01 23.75 31.89
C LEU B 7 8.86 22.39 31.27
N ILE B 8 9.37 22.23 30.06
CA ILE B 8 9.33 20.92 29.39
C ILE B 8 10.70 20.58 28.93
N VAL B 9 11.19 19.46 29.43
CA VAL B 9 12.48 18.92 29.04
C VAL B 9 12.30 17.94 27.88
N GLY B 10 12.73 18.39 26.71
CA GLY B 10 12.82 17.56 25.53
C GLY B 10 11.90 18.16 24.51
N ALA B 11 12.34 18.16 23.27
CA ALA B 11 11.54 18.70 22.21
C ALA B 11 11.27 17.63 21.10
N GLY B 12 11.07 16.39 21.51
CA GLY B 12 10.65 15.36 20.62
C GLY B 12 9.13 15.38 20.68
N PHE B 13 8.48 14.28 20.34
CA PHE B 13 7.03 14.24 20.40
C PHE B 13 6.38 14.44 21.74
N SER B 14 6.98 13.92 22.81
CA SER B 14 6.32 14.06 24.14
C SER B 14 6.29 15.53 24.53
N GLY B 15 7.46 16.19 24.44
CA GLY B 15 7.61 17.56 24.81
C GLY B 15 6.73 18.41 23.95
N ALA B 16 6.83 18.20 22.64
CA ALA B 16 6.24 19.12 21.69
C ALA B 16 4.74 19.06 21.88
N VAL B 17 4.17 17.88 21.86
CA VAL B 17 2.72 17.76 21.91
C VAL B 17 2.13 18.21 23.26
N ILE B 18 2.77 17.83 24.37
CA ILE B 18 2.30 18.39 25.64
C ILE B 18 2.43 19.89 25.56
N GLY B 19 3.53 20.39 25.03
CA GLY B 19 3.70 21.83 25.05
C GLY B 19 2.58 22.50 24.28
N ARG B 20 2.24 21.96 23.12
CA ARG B 20 1.26 22.63 22.30
C ARG B 20 -0.12 22.60 22.96
N GLN B 21 -0.47 21.47 23.57
CA GLN B 21 -1.79 21.35 24.23
C GLN B 21 -2.02 22.40 25.31
N LEU B 22 -1.04 22.61 26.15
CA LEU B 22 -1.14 23.59 27.22
C LEU B 22 -0.95 25.00 26.69
N ALA B 23 -0.01 25.23 25.77
CA ALA B 23 0.07 26.57 25.17
C ALA B 23 -1.28 27.01 24.64
N GLU B 24 -2.00 26.09 24.00
CA GLU B 24 -3.28 26.42 23.39
C GLU B 24 -4.28 26.90 24.45
N LYS B 25 -4.12 26.43 25.70
CA LYS B 25 -5.03 26.85 26.76
C LYS B 25 -4.49 28.05 27.51
N GLY B 26 -3.46 28.71 27.01
CA GLY B 26 -3.03 29.94 27.63
C GLY B 26 -1.89 29.82 28.60
N HIS B 27 -1.33 28.63 28.79
CA HIS B 27 -0.17 28.51 29.67
C HIS B 27 1.13 29.00 29.01
N GLN B 28 2.10 29.36 29.85
CA GLN B 28 3.37 29.91 29.41
C GLN B 28 4.41 28.79 29.38
N VAL B 29 4.73 28.32 28.18
CA VAL B 29 5.53 27.08 28.03
C VAL B 29 6.98 27.33 27.64
N HIS B 30 7.93 26.84 28.43
CA HIS B 30 9.36 26.85 28.10
C HIS B 30 9.82 25.39 27.86
N ILE B 31 10.28 25.14 26.64
CA ILE B 31 10.76 23.83 26.23
C ILE B 31 12.26 23.91 26.05
N ILE B 32 13.00 22.97 26.64
CA ILE B 32 14.44 22.93 26.42
C ILE B 32 14.85 21.60 25.87
N ASP B 33 15.99 21.60 25.19
CA ASP B 33 16.56 20.36 24.72
C ASP B 33 18.06 20.51 24.69
N GLN B 34 18.78 19.45 24.96
CA GLN B 34 20.22 19.50 25.08
C GLN B 34 20.86 19.43 23.71
N ARG B 35 20.10 18.96 22.73
CA ARG B 35 20.66 18.71 21.40
C ARG B 35 20.68 20.03 20.60
N ASP B 36 21.36 20.09 19.47
CA ASP B 36 21.32 21.38 18.78
C ASP B 36 20.13 21.59 17.88
N HIS B 37 19.14 20.70 17.91
CA HIS B 37 17.98 20.79 16.99
C HIS B 37 16.78 20.15 17.65
N ILE B 38 15.61 20.32 17.03
CA ILE B 38 14.38 19.77 17.58
C ILE B 38 14.10 18.31 17.17
N GLY B 39 13.07 17.70 17.75
CA GLY B 39 12.52 16.46 17.22
C GLY B 39 12.90 15.19 17.90
N GLY B 40 13.76 15.26 18.92
CA GLY B 40 14.28 14.05 19.54
C GLY B 40 14.75 13.04 18.49
N ASN B 41 14.50 11.74 18.71
CA ASN B 41 14.93 10.67 17.78
C ASN B 41 14.04 10.55 16.54
N SER B 42 13.01 11.39 16.41
CA SER B 42 12.23 11.47 15.18
C SER B 42 12.84 12.38 14.14
N TYR B 43 13.83 13.16 14.57
CA TYR B 43 14.38 14.22 13.76
C TYR B 43 14.94 13.73 12.44
N ASP B 44 14.66 14.45 11.37
CA ASP B 44 15.30 14.15 10.10
C ASP B 44 15.83 15.37 9.41
N ALA B 45 16.74 15.16 8.45
CA ALA B 45 17.16 16.32 7.67
C ALA B 45 17.74 15.96 6.29
N ARG B 46 17.49 16.81 5.30
CA ARG B 46 18.10 16.65 3.94
C ARG B 46 19.62 16.66 4.00
N ASP B 47 20.25 15.55 3.59
CA ASP B 47 21.72 15.55 3.37
C ASP B 47 22.01 16.62 2.30
N SER B 48 23.13 17.32 2.41
CA SER B 48 23.37 18.47 1.52
C SER B 48 23.78 18.06 0.09
N GLU B 49 24.62 17.02 -0.01
CA GLU B 49 25.17 16.56 -1.29
C GLU B 49 24.06 16.04 -2.24
N THR B 50 23.25 15.10 -1.74
CA THR B 50 22.24 14.35 -2.54
C THR B 50 20.83 14.89 -2.34
N ASN B 51 20.62 15.55 -1.22
CA ASN B 51 19.31 16.15 -0.95
C ASN B 51 18.25 15.12 -0.53
N VAL B 52 18.70 13.94 -0.08
CA VAL B 52 17.81 12.94 0.42
C VAL B 52 17.47 13.25 1.88
N MET B 53 16.18 13.29 2.18
CA MET B 53 15.72 13.37 3.57
C MET B 53 16.24 12.16 4.33
N VAL B 54 17.09 12.42 5.31
CA VAL B 54 17.72 11.35 6.04
C VAL B 54 17.06 11.25 7.38
N HIS B 55 16.82 10.03 7.83
CA HIS B 55 16.24 9.82 9.14
C HIS B 55 17.36 9.57 10.11
N VAL B 56 17.83 10.67 10.71
CA VAL B 56 19.08 10.73 11.41
C VAL B 56 19.22 9.72 12.51
N TYR B 57 18.16 9.36 13.20
CA TYR B 57 18.33 8.42 14.29
C TYR B 57 17.67 7.13 14.00
N GLY B 58 17.62 6.78 12.70
CA GLY B 58 17.13 5.47 12.23
C GLY B 58 15.77 5.54 11.55
N PRO B 59 15.46 4.53 10.72
CA PRO B 59 14.22 4.54 9.94
C PRO B 59 12.99 4.81 10.84
N HIS B 60 12.20 5.80 10.50
CA HIS B 60 11.00 6.14 11.29
C HIS B 60 9.72 6.10 10.46
N ILE B 61 8.89 5.08 10.70
CA ILE B 61 7.63 4.92 10.00
C ILE B 61 6.40 5.14 10.89
N PHE B 62 5.51 6.06 10.50
CA PHE B 62 4.34 6.29 11.29
C PHE B 62 3.14 5.32 11.07
N HIS B 63 2.64 4.72 12.16
CA HIS B 63 1.63 3.68 12.07
C HIS B 63 0.82 3.68 13.32
N THR B 64 -0.50 3.46 13.18
CA THR B 64 -1.42 3.54 14.28
C THR B 64 -2.82 3.02 13.95
N ASP B 65 -3.52 2.50 14.95
CA ASP B 65 -4.94 2.24 14.86
C ASP B 65 -5.73 3.37 15.50
N ASN B 66 -5.05 4.32 16.13
CA ASN B 66 -5.72 5.37 16.86
C ASN B 66 -6.05 6.55 15.97
N GLU B 67 -7.33 6.65 15.63
CA GLU B 67 -7.75 7.62 14.67
C GLU B 67 -7.57 9.04 15.18
N THR B 68 -7.77 9.30 16.48
CA THR B 68 -7.45 10.62 17.04
C THR B 68 -5.97 11.10 16.79
N VAL B 69 -5.03 10.19 16.84
CA VAL B 69 -3.67 10.59 16.72
C VAL B 69 -3.41 10.90 15.25
N TRP B 70 -3.93 10.03 14.40
CA TRP B 70 -3.82 10.20 12.96
C TRP B 70 -4.35 11.57 12.53
N ASN B 71 -5.53 11.90 13.03
CA ASN B 71 -6.12 13.15 12.59
C ASN B 71 -5.21 14.20 13.08
N TYR B 72 -4.73 13.99 14.32
CA TYR B 72 -3.88 14.99 14.98
C TYR B 72 -2.61 15.28 14.16
N ILE B 73 -1.89 14.26 13.73
CA ILE B 73 -0.70 14.55 12.92
C ILE B 73 -1.01 15.16 11.51
N ASN B 74 -2.14 14.77 10.89
CA ASN B 74 -2.56 15.31 9.61
C ASN B 74 -2.88 16.81 9.66
N LYS B 75 -3.05 17.36 10.87
CA LYS B 75 -3.15 18.81 10.98
C LYS B 75 -1.79 19.51 10.95
N HIS B 76 -0.69 18.77 10.86
CA HIS B 76 0.63 19.33 11.08
C HIS B 76 1.61 18.95 9.99
N ALA B 77 1.06 18.22 9.02
CA ALA B 77 1.83 17.61 7.98
C ALA B 77 0.92 17.09 6.89
N GLU B 78 1.51 16.72 5.77
CA GLU B 78 0.81 16.03 4.74
C GLU B 78 1.34 14.60 4.78
N MET B 79 0.50 13.69 5.28
CA MET B 79 0.83 12.28 5.30
C MET B 79 0.74 11.64 3.92
N MET B 80 1.80 10.97 3.50
CA MET B 80 1.91 10.33 2.21
C MET B 80 1.78 8.84 2.46
N PRO B 81 1.01 8.11 1.62
CA PRO B 81 0.80 6.67 1.88
C PRO B 81 2.12 5.99 1.81
N TYR B 82 2.34 5.05 2.71
CA TYR B 82 3.58 4.32 2.67
C TYR B 82 3.39 2.98 3.33
N VAL B 83 4.01 1.93 2.80
CA VAL B 83 3.97 0.67 3.49
C VAL B 83 5.39 0.14 3.68
N ASN B 84 5.71 -0.20 4.90
CA ASN B 84 7.04 -0.70 5.20
C ASN B 84 7.21 -2.16 4.84
N ARG B 85 8.10 -2.45 3.92
CA ARG B 85 8.25 -3.78 3.46
C ARG B 85 9.68 -4.14 3.60
N VAL B 86 10.00 -4.97 4.57
CA VAL B 86 11.33 -5.19 4.94
C VAL B 86 11.87 -6.44 4.26
N LYS B 87 13.12 -6.41 3.83
CA LYS B 87 13.76 -7.57 3.20
C LYS B 87 14.86 -8.12 4.08
N ALA B 88 15.21 -9.38 3.93
CA ALA B 88 16.26 -9.91 4.74
C ALA B 88 17.15 -10.81 3.90
N THR B 89 18.46 -10.65 4.07
CA THR B 89 19.47 -11.44 3.38
C THR B 89 20.09 -12.43 4.38
N VAL B 90 20.01 -13.72 4.05
CA VAL B 90 20.55 -14.75 4.88
C VAL B 90 20.69 -16.04 4.08
N ASN B 91 21.82 -16.74 4.26
CA ASN B 91 22.13 -17.98 3.58
C ASN B 91 22.07 -17.85 2.07
N GLY B 92 22.57 -16.73 1.55
CA GLY B 92 22.70 -16.54 0.08
C GLY B 92 21.37 -16.46 -0.67
N GLN B 93 20.35 -15.88 -0.02
CA GLN B 93 19.02 -15.70 -0.54
C GLN B 93 18.45 -14.41 0.04
N VAL B 94 17.47 -13.82 -0.64
CA VAL B 94 16.76 -12.66 -0.09
C VAL B 94 15.33 -13.04 0.18
N PHE B 95 14.80 -12.57 1.31
CA PHE B 95 13.50 -12.98 1.80
C PHE B 95 12.70 -11.76 2.16
N SER B 96 11.36 -11.89 2.15
CA SER B 96 10.58 -10.83 2.75
C SER B 96 10.32 -11.09 4.23
N LEU B 97 10.30 -10.02 5.02
CA LEU B 97 9.90 -10.07 6.42
C LEU B 97 8.67 -9.22 6.55
N PRO B 98 7.90 -9.40 7.65
CA PRO B 98 8.06 -10.38 8.72
C PRO B 98 7.75 -11.72 8.13
N ILE B 99 8.04 -12.79 8.86
CA ILE B 99 7.88 -14.13 8.35
C ILE B 99 6.44 -14.44 7.88
N ASN B 100 6.19 -14.49 6.56
CA ASN B 100 4.87 -14.71 5.95
C ASN B 100 4.94 -15.93 5.03
N LEU B 101 3.91 -16.16 4.21
CA LEU B 101 3.82 -17.45 3.50
C LEU B 101 4.85 -17.49 2.36
N HIS B 102 5.26 -16.31 1.89
CA HIS B 102 6.32 -16.29 0.88
C HIS B 102 7.65 -16.76 1.49
N THR B 103 7.97 -16.24 2.67
CA THR B 103 9.17 -16.66 3.39
C THR B 103 9.19 -18.17 3.58
N ILE B 104 8.09 -18.72 4.10
CA ILE B 104 8.02 -20.15 4.36
C ILE B 104 8.22 -20.94 3.12
N ASN B 105 7.45 -20.61 2.09
CA ASN B 105 7.56 -21.36 0.87
C ASN B 105 8.97 -21.19 0.27
N GLN B 106 9.54 -20.01 0.35
CA GLN B 106 10.76 -19.80 -0.38
C GLN B 106 11.88 -20.54 0.37
N PHE B 107 11.90 -20.32 1.68
CA PHE B 107 12.86 -20.94 2.58
C PHE B 107 12.90 -22.46 2.51
N PHE B 108 11.74 -23.12 2.48
CA PHE B 108 11.70 -24.59 2.37
C PHE B 108 11.49 -25.11 0.98
N SER B 109 11.43 -24.22 0.00
CA SER B 109 11.18 -24.66 -1.40
C SER B 109 9.87 -25.39 -1.53
N LYS B 110 8.83 -24.80 -0.99
CA LYS B 110 7.51 -25.41 -1.05
C LYS B 110 6.51 -24.54 -1.85
N THR B 111 5.37 -25.14 -2.22
CA THR B 111 4.23 -24.37 -2.72
C THR B 111 2.98 -24.55 -1.82
N CYS B 112 3.22 -24.54 -0.51
CA CYS B 112 2.15 -24.62 0.48
C CYS B 112 1.13 -23.51 0.40
N SER B 113 -0.13 -23.90 0.61
CA SER B 113 -1.23 -23.00 0.92
C SER B 113 -1.12 -22.62 2.41
N PRO B 114 -1.93 -21.62 2.86
CA PRO B 114 -1.95 -21.24 4.27
C PRO B 114 -2.09 -22.43 5.21
N ASP B 115 -3.19 -23.15 5.15
CA ASP B 115 -3.35 -24.34 5.97
C ASP B 115 -2.24 -25.36 5.79
N GLU B 116 -1.77 -25.63 4.57
CA GLU B 116 -0.71 -26.64 4.46
C GLU B 116 0.53 -26.20 5.24
N ALA B 117 0.81 -24.89 5.18
CA ALA B 117 1.88 -24.26 5.94
C ALA B 117 1.83 -24.46 7.44
N ARG B 118 0.65 -24.20 8.04
CA ARG B 118 0.37 -24.54 9.45
C ARG B 118 0.74 -26.00 9.80
N ALA B 119 0.19 -26.97 9.04
CA ALA B 119 0.60 -28.40 9.12
C ALA B 119 2.12 -28.66 8.98
N LEU B 120 2.79 -27.82 8.19
CA LEU B 120 4.21 -28.00 7.95
C LEU B 120 4.97 -27.47 9.16
N ILE B 121 4.54 -26.33 9.68
CA ILE B 121 5.25 -25.72 10.78
C ILE B 121 5.06 -26.46 12.12
N ALA B 122 3.84 -26.86 12.41
CA ALA B 122 3.61 -27.68 13.59
C ALA B 122 4.62 -28.83 13.70
N GLU B 123 4.82 -29.61 12.64
CA GLU B 123 5.73 -30.79 12.66
C GLU B 123 7.23 -30.49 12.68
N LYS B 124 7.62 -29.34 12.12
CA LYS B 124 9.00 -28.84 12.22
C LYS B 124 9.28 -28.28 13.61
N GLY B 125 8.27 -27.67 14.23
CA GLY B 125 8.39 -27.30 15.63
C GLY B 125 8.25 -28.55 16.51
N ASP B 126 9.06 -28.64 17.57
CA ASP B 126 8.78 -29.48 18.78
C ASP B 126 10.01 -29.92 19.57
N GLU B 136 14.53 -18.66 22.89
CA GLU B 136 15.18 -19.90 22.42
C GLU B 136 14.23 -21.11 22.52
N GLU B 137 13.25 -20.96 23.39
CA GLU B 137 12.38 -22.05 23.82
C GLU B 137 10.95 -21.89 23.18
N GLN B 138 10.41 -20.64 23.19
CA GLN B 138 9.28 -20.23 22.33
C GLN B 138 9.51 -20.80 20.89
N ALA B 139 10.80 -20.74 20.52
CA ALA B 139 11.35 -21.05 19.22
C ALA B 139 11.16 -22.49 18.77
N LEU B 140 12.01 -23.38 19.29
CA LEU B 140 12.06 -24.80 18.89
C LEU B 140 10.72 -25.56 18.94
N ARG B 141 9.83 -25.17 19.86
CA ARG B 141 8.48 -25.76 19.94
C ARG B 141 7.64 -25.27 18.77
N PHE B 142 7.52 -23.95 18.62
CA PHE B 142 6.62 -23.36 17.61
C PHE B 142 7.12 -23.46 16.14
N ILE B 143 8.39 -23.09 15.93
CA ILE B 143 8.88 -22.59 14.64
C ILE B 143 9.97 -23.47 14.00
N GLY B 144 10.47 -24.44 14.77
CA GLY B 144 11.46 -25.43 14.29
C GLY B 144 12.93 -25.00 14.24
N LYS B 145 13.80 -26.00 14.18
CA LYS B 145 15.25 -25.81 14.13
C LYS B 145 15.67 -24.88 12.98
N GLU B 146 15.43 -25.33 11.74
CA GLU B 146 16.03 -24.71 10.57
C GLU B 146 15.67 -23.24 10.46
N LEU B 147 14.47 -22.91 10.94
CA LEU B 147 13.90 -21.60 10.77
C LEU B 147 14.40 -20.72 11.88
N TYR B 148 14.53 -21.32 13.06
CA TYR B 148 14.99 -20.60 14.26
C TYR B 148 16.38 -19.98 14.01
N GLU B 149 17.25 -20.84 13.54
CA GLU B 149 18.62 -20.47 13.34
C GLU B 149 18.73 -19.38 12.26
N ALA B 150 18.00 -19.57 11.14
CA ALA B 150 18.08 -18.65 9.99
C ALA B 150 17.73 -17.18 10.22
N PHE B 151 16.54 -16.85 10.71
CA PHE B 151 16.15 -15.44 10.79
C PHE B 151 16.23 -14.88 12.19
N PHE B 152 16.29 -15.77 13.19
CA PHE B 152 16.17 -15.31 14.58
C PHE B 152 17.37 -15.35 15.56
N LYS B 153 18.06 -16.49 15.64
CA LYS B 153 19.25 -16.65 16.50
C LYS B 153 20.20 -15.47 16.28
N GLY B 154 20.96 -15.53 15.19
CA GLY B 154 21.88 -14.46 14.79
C GLY B 154 21.49 -13.00 14.94
N TYR B 155 20.27 -12.64 14.56
CA TYR B 155 19.84 -11.21 14.66
C TYR B 155 19.65 -10.74 16.11
N THR B 156 18.92 -11.54 16.89
CA THR B 156 18.86 -11.44 18.35
C THR B 156 20.26 -11.11 18.95
N ILE B 157 21.13 -12.11 18.91
CA ILE B 157 22.50 -12.00 19.36
C ILE B 157 23.12 -10.67 18.98
N LYS B 158 22.94 -10.27 17.75
CA LYS B 158 23.54 -9.04 17.27
C LYS B 158 22.82 -7.85 17.85
N GLN B 159 21.51 -8.02 18.09
CA GLN B 159 20.66 -6.90 18.47
C GLN B 159 20.69 -6.61 19.97
N TRP B 160 20.40 -7.65 20.76
CA TRP B 160 20.36 -7.55 22.23
C TRP B 160 21.70 -7.77 22.91
N GLY B 161 22.44 -8.75 22.44
CA GLY B 161 23.83 -8.89 22.79
C GLY B 161 24.03 -9.95 23.82
N MET B 162 22.99 -10.74 24.05
CA MET B 162 23.09 -11.87 24.94
C MET B 162 22.59 -13.05 24.13
N GLN B 163 22.88 -14.26 24.58
CA GLN B 163 22.52 -15.41 23.79
C GLN B 163 21.00 -15.54 23.72
N PRO B 164 20.54 -16.33 22.75
CA PRO B 164 19.13 -16.63 22.59
C PRO B 164 18.72 -17.59 23.73
N SER B 165 19.68 -18.33 24.25
CA SER B 165 19.56 -18.98 25.56
C SER B 165 19.58 -17.95 26.73
N GLU B 166 18.62 -17.01 26.72
CA GLU B 166 18.31 -16.11 27.83
C GLU B 166 16.95 -15.52 27.52
N LEU B 167 16.01 -15.85 28.42
CA LEU B 167 14.55 -15.97 28.20
C LEU B 167 13.85 -14.97 27.30
N PRO B 168 13.27 -15.46 26.21
CA PRO B 168 12.49 -14.59 25.31
C PRO B 168 11.05 -14.54 25.82
N ALA B 169 10.11 -14.44 24.90
CA ALA B 169 8.70 -14.32 25.27
C ALA B 169 8.28 -12.85 25.47
N SER B 170 9.11 -11.91 25.00
CA SER B 170 8.69 -10.48 24.83
C SER B 170 9.71 -9.65 24.00
N ILE B 171 9.21 -8.65 23.26
CA ILE B 171 10.00 -7.74 22.35
C ILE B 171 10.10 -8.18 20.86
N LEU B 172 10.13 -9.50 20.62
CA LEU B 172 10.10 -10.02 19.24
C LEU B 172 8.62 -10.13 18.79
N LYS B 173 7.70 -9.96 19.74
CA LYS B 173 6.24 -10.00 19.51
C LYS B 173 5.63 -8.61 19.15
N ARG B 174 6.49 -7.70 18.70
CA ARG B 174 6.10 -6.49 17.96
C ARG B 174 5.90 -6.78 16.45
N LEU B 175 6.67 -7.75 15.94
CA LEU B 175 6.40 -8.34 14.62
C LEU B 175 5.24 -9.37 14.69
N PRO B 176 4.38 -9.41 13.63
CA PRO B 176 3.36 -10.48 13.36
C PRO B 176 3.90 -11.62 12.48
N VAL B 177 3.25 -12.80 12.44
CA VAL B 177 3.81 -14.12 11.94
C VAL B 177 3.07 -14.94 10.77
N ARG B 178 2.62 -14.19 9.76
CA ARG B 178 1.45 -14.55 8.96
C ARG B 178 1.50 -15.80 8.08
N PHE B 179 0.34 -16.38 7.84
CA PHE B 179 0.19 -17.48 6.92
C PHE B 179 -0.61 -17.00 5.71
N ASN B 180 -0.34 -15.78 5.29
CA ASN B 180 -0.90 -15.23 4.10
C ASN B 180 0.28 -14.49 3.46
N TYR B 181 0.10 -13.94 2.26
CA TYR B 181 1.23 -13.31 1.61
C TYR B 181 1.36 -11.82 1.97
N ASP B 182 0.62 -11.36 2.97
CA ASP B 182 0.77 -9.96 3.40
C ASP B 182 2.21 -9.76 3.92
N ASP B 183 2.90 -8.74 3.40
CA ASP B 183 4.28 -8.50 3.84
C ASP B 183 4.47 -7.10 4.40
N ASN B 184 3.39 -6.47 4.83
CA ASN B 184 3.42 -5.20 5.51
C ASN B 184 3.91 -5.44 6.95
N TYR B 185 5.03 -4.82 7.33
CA TYR B 185 5.61 -4.97 8.68
C TYR B 185 4.63 -4.69 9.81
N PHE B 186 3.61 -3.89 9.54
CA PHE B 186 2.64 -3.57 10.58
C PHE B 186 1.24 -4.09 10.29
N ASN B 187 0.39 -4.16 11.31
CA ASN B 187 -1.02 -4.54 11.12
C ASN B 187 -1.96 -3.33 11.11
N HIS B 188 -1.43 -2.22 11.60
CA HIS B 188 -2.16 -1.04 11.88
C HIS B 188 -2.91 -0.56 10.70
N LYS B 189 -4.07 0.02 10.97
CA LYS B 189 -4.93 0.61 10.00
C LYS B 189 -4.29 1.78 9.25
N PHE B 190 -3.53 2.64 9.93
CA PHE B 190 -3.04 3.85 9.29
C PHE B 190 -1.54 3.80 9.19
N GLN B 191 -0.98 4.20 8.06
CA GLN B 191 0.44 4.15 7.91
C GLN B 191 0.88 5.14 6.87
N GLY B 192 1.94 5.88 7.10
CA GLY B 192 2.34 6.93 6.18
C GLY B 192 3.67 7.56 6.56
N MET B 193 4.02 8.61 5.87
CA MET B 193 5.31 9.15 5.97
C MET B 193 5.10 10.60 5.69
N PRO B 194 5.46 11.48 6.63
CA PRO B 194 5.19 12.93 6.40
C PRO B 194 6.00 13.42 5.15
N LYS B 195 5.34 14.26 4.35
CA LYS B 195 5.86 14.65 3.06
C LYS B 195 7.12 15.46 3.26
N CYS B 196 7.02 16.45 4.13
CA CYS B 196 8.18 17.27 4.49
C CYS B 196 8.94 16.81 5.75
N GLY B 197 8.61 15.61 6.23
CA GLY B 197 9.48 14.99 7.23
C GLY B 197 9.02 15.32 8.63
N TYR B 198 9.51 14.56 9.60
CA TYR B 198 9.10 14.73 10.99
C TYR B 198 9.61 16.01 11.64
N THR B 199 10.76 16.52 11.22
CA THR B 199 11.25 17.77 11.79
C THR B 199 10.25 18.90 11.53
N GLN B 200 9.77 19.06 10.30
CA GLN B 200 8.74 20.12 10.03
C GLN B 200 7.43 19.82 10.68
N MET B 201 7.05 18.57 10.76
CA MET B 201 5.84 18.29 11.50
C MET B 201 6.04 18.73 12.94
N ILE B 202 7.21 18.49 13.54
CA ILE B 202 7.40 18.93 14.92
C ILE B 202 7.52 20.47 15.04
N LYS B 203 8.30 21.05 14.14
CA LYS B 203 8.31 22.51 13.99
C LYS B 203 6.87 23.08 13.88
N SER B 204 5.99 22.44 13.13
CA SER B 204 4.64 22.99 13.10
C SER B 204 3.92 22.83 14.43
N ILE B 205 4.12 21.69 15.14
CA ILE B 205 3.50 21.50 16.47
C ILE B 205 4.02 22.58 17.47
N LEU B 206 5.28 22.96 17.34
CA LEU B 206 5.88 23.95 18.24
C LEU B 206 5.49 25.37 17.90
N ASN B 207 4.89 25.58 16.74
CA ASN B 207 4.60 26.93 16.27
C ASN B 207 3.37 27.53 16.95
N HIS B 208 3.58 28.18 18.10
CA HIS B 208 2.50 28.82 18.81
C HIS B 208 3.18 29.92 19.62
N GLU B 209 2.50 31.05 19.78
CA GLU B 209 3.06 32.23 20.46
C GLU B 209 3.42 32.00 21.93
N ASN B 210 2.73 31.06 22.60
CA ASN B 210 3.04 30.81 24.00
C ASN B 210 4.11 29.75 24.25
N ILE B 211 4.85 29.35 23.21
CA ILE B 211 5.91 28.35 23.37
C ILE B 211 7.25 28.97 23.02
N LYS B 212 8.18 28.91 23.97
CA LYS B 212 9.53 29.35 23.78
C LYS B 212 10.42 28.10 23.88
N VAL B 213 11.30 27.95 22.87
CA VAL B 213 12.17 26.79 22.74
C VAL B 213 13.63 27.25 22.84
N ASP B 214 14.41 26.62 23.71
CA ASP B 214 15.85 26.81 23.69
C ASP B 214 16.61 25.53 23.50
N LEU B 215 17.55 25.55 22.56
CA LEU B 215 18.34 24.39 22.22
C LEU B 215 19.70 24.47 22.91
N GLN B 216 20.47 23.38 22.91
CA GLN B 216 21.79 23.34 23.59
C GLN B 216 21.67 23.74 25.06
N ARG B 217 20.53 23.36 25.65
CA ARG B 217 20.22 23.77 26.98
C ARG B 217 19.93 22.53 27.78
N GLU B 218 20.85 22.21 28.67
CA GLU B 218 20.68 21.08 29.56
C GLU B 218 19.73 21.39 30.71
N PHE B 219 18.91 20.41 31.11
CA PHE B 219 18.08 20.59 32.28
C PHE B 219 18.93 20.53 33.54
N ILE B 220 18.64 21.40 34.49
CA ILE B 220 19.34 21.52 35.79
C ILE B 220 18.30 21.50 36.90
N VAL B 221 18.40 20.60 37.87
CA VAL B 221 17.41 20.57 38.98
C VAL B 221 17.12 21.94 39.57
N ASP B 222 18.14 22.81 39.63
CA ASP B 222 18.03 24.18 40.23
C ASP B 222 16.91 25.03 39.58
N GLU B 223 16.67 24.84 38.29
CA GLU B 223 15.48 25.36 37.59
C GLU B 223 14.11 25.01 38.17
N ARG B 224 13.92 23.83 38.77
CA ARG B 224 12.53 23.42 39.14
C ARG B 224 11.66 24.51 39.80
N THR B 225 12.25 25.28 40.72
CA THR B 225 11.49 26.19 41.59
C THR B 225 10.97 27.44 40.91
N HIS B 226 11.46 27.75 39.69
CA HIS B 226 10.89 28.82 38.84
C HIS B 226 9.67 28.44 38.04
N TYR B 227 9.12 27.24 38.25
CA TYR B 227 7.98 26.80 37.45
C TYR B 227 6.89 26.20 38.28
N ASP B 228 5.67 26.30 37.79
CA ASP B 228 4.55 25.63 38.47
C ASP B 228 4.56 24.11 38.25
N HIS B 229 5.04 23.66 37.09
CA HIS B 229 5.10 22.24 36.84
C HIS B 229 6.17 21.92 35.83
N VAL B 230 6.74 20.71 35.91
CA VAL B 230 7.77 20.29 35.01
C VAL B 230 7.32 18.99 34.37
N PHE B 231 7.42 18.92 33.04
CA PHE B 231 7.25 17.66 32.29
C PHE B 231 8.59 17.22 31.79
N TYR B 232 9.00 16.01 32.18
CA TYR B 232 10.37 15.56 31.95
C TYR B 232 10.35 14.36 31.07
N SER B 233 10.96 14.49 29.89
CA SER B 233 10.98 13.37 29.00
C SER B 233 12.36 12.82 28.75
N GLY B 234 13.35 13.32 29.48
CA GLY B 234 14.67 12.70 29.56
C GLY B 234 14.65 11.44 30.41
N PRO B 235 15.73 10.65 30.44
CA PRO B 235 15.77 9.36 31.12
C PRO B 235 15.58 9.42 32.65
N LEU B 236 14.82 8.45 33.19
CA LEU B 236 14.48 8.51 34.61
C LEU B 236 15.70 8.33 35.49
N ASP B 237 16.64 7.47 35.13
CA ASP B 237 17.81 7.28 36.00
C ASP B 237 18.70 8.54 36.10
N ALA B 238 18.85 9.28 35.01
CA ALA B 238 19.66 10.50 34.95
C ALA B 238 19.07 11.59 35.73
N PHE B 239 17.76 11.75 35.67
CA PHE B 239 17.17 12.75 36.55
C PHE B 239 17.65 12.50 38.03
N TYR B 240 17.90 11.26 38.43
CA TYR B 240 18.30 11.08 39.82
C TYR B 240 19.79 10.82 40.00
N GLY B 241 20.60 11.30 39.09
CA GLY B 241 22.01 11.24 39.26
C GLY B 241 22.51 9.83 39.15
N TYR B 242 21.65 8.91 38.66
CA TYR B 242 22.07 7.51 38.51
C TYR B 242 22.45 6.88 39.86
N GLN B 243 21.92 7.48 40.90
CA GLN B 243 22.22 7.08 42.28
C GLN B 243 22.08 5.60 42.63
N TYR B 244 21.26 4.84 41.91
CA TYR B 244 21.18 3.40 42.15
C TYR B 244 21.78 2.55 41.09
N GLY B 245 22.53 3.18 40.17
CA GLY B 245 22.95 2.52 38.92
C GLY B 245 22.24 3.02 37.67
N ARG B 246 22.84 2.65 36.53
CA ARG B 246 22.36 3.06 35.20
C ARG B 246 21.49 1.96 34.63
N LEU B 247 20.27 2.33 34.19
CA LEU B 247 19.31 1.41 33.54
C LEU B 247 19.90 0.86 32.23
N GLY B 248 19.58 -0.37 31.85
CA GLY B 248 20.26 -0.98 30.70
C GLY B 248 19.64 -0.61 29.35
N TYR B 249 20.49 -0.09 28.49
CA TYR B 249 20.10 0.28 27.16
C TYR B 249 21.07 -0.22 26.16
N ARG B 250 20.54 -0.70 25.03
CA ARG B 250 21.32 -0.95 23.80
C ARG B 250 21.44 0.35 23.05
N THR B 251 22.57 0.55 22.39
CA THR B 251 22.79 1.76 21.60
C THR B 251 23.18 1.40 20.13
N LEU B 252 23.20 2.39 19.24
CA LEU B 252 23.41 2.15 17.80
C LEU B 252 24.46 3.06 17.20
N ASP B 253 25.32 2.47 16.38
CA ASP B 253 26.22 3.27 15.53
C ASP B 253 25.78 3.14 14.09
N PHE B 254 25.79 4.27 13.38
CA PHE B 254 25.38 4.36 11.97
C PHE B 254 26.53 4.76 11.08
N LYS B 255 27.14 3.82 10.36
CA LYS B 255 28.15 4.22 9.37
C LYS B 255 27.43 4.75 8.13
N LYS B 256 27.37 6.05 7.99
CA LYS B 256 26.85 6.65 6.79
C LYS B 256 27.76 6.52 5.54
N PHE B 257 27.15 6.33 4.37
CA PHE B 257 27.83 6.53 3.06
C PHE B 257 26.93 6.99 1.91
N ILE B 258 27.56 7.40 0.81
CA ILE B 258 26.84 7.86 -0.36
C ILE B 258 27.10 6.98 -1.60
N TYR B 259 26.01 6.64 -2.33
CA TYR B 259 26.06 5.79 -3.54
C TYR B 259 25.29 6.49 -4.62
N GLN B 260 25.85 6.46 -5.83
CA GLN B 260 25.25 7.14 -6.98
C GLN B 260 24.47 6.08 -7.72
N GLY B 261 23.16 6.05 -7.49
CA GLY B 261 22.40 4.88 -7.86
C GLY B 261 21.36 4.47 -6.83
N ASP B 262 20.93 3.21 -6.93
CA ASP B 262 20.09 2.59 -5.97
C ASP B 262 20.99 1.52 -5.46
N TYR B 263 21.32 1.63 -4.17
CA TYR B 263 22.28 0.72 -3.57
C TYR B 263 21.71 -0.66 -3.27
N GLN B 264 20.43 -0.72 -2.86
CA GLN B 264 19.90 -2.01 -2.43
C GLN B 264 18.49 -2.33 -2.93
N GLY B 265 17.71 -1.30 -3.27
CA GLY B 265 16.41 -1.51 -3.90
C GLY B 265 15.18 -1.47 -3.01
N CYS B 266 15.41 -1.21 -1.70
CA CYS B 266 14.38 -1.07 -0.72
C CYS B 266 14.91 -0.15 0.38
N ALA B 267 13.99 0.39 1.18
CA ALA B 267 14.30 1.13 2.42
C ALA B 267 15.15 0.41 3.49
N VAL B 268 14.88 -0.86 3.77
CA VAL B 268 15.54 -1.52 4.86
C VAL B 268 15.84 -2.94 4.48
N MET B 269 17.11 -3.30 4.50
CA MET B 269 17.49 -4.66 4.35
C MET B 269 18.16 -5.11 5.65
N ASN B 270 17.58 -6.14 6.29
CA ASN B 270 18.17 -6.78 7.46
C ASN B 270 19.15 -7.86 7.06
N TYR B 271 20.17 -8.08 7.90
CA TYR B 271 21.15 -9.17 7.73
C TYR B 271 21.11 -10.13 8.92
N CYS B 272 20.64 -11.33 8.70
CA CYS B 272 20.35 -12.20 9.82
C CYS B 272 21.52 -13.02 10.36
N SER B 273 22.56 -13.21 9.55
CA SER B 273 23.75 -13.90 10.00
C SER B 273 24.57 -13.08 10.95
N VAL B 274 25.06 -13.75 11.96
CA VAL B 274 25.78 -13.11 13.01
C VAL B 274 27.12 -12.70 12.49
N ASP B 275 27.62 -13.47 11.55
CA ASP B 275 28.89 -13.19 10.97
C ASP B 275 28.86 -12.02 10.04
N VAL B 276 27.87 -11.17 10.16
CA VAL B 276 27.88 -9.91 9.45
C VAL B 276 27.74 -8.87 10.51
N PRO B 277 28.62 -7.89 10.51
CA PRO B 277 28.75 -6.93 11.62
C PRO B 277 27.57 -6.02 11.84
N TYR B 278 27.02 -5.48 10.76
CA TYR B 278 25.92 -4.57 10.89
C TYR B 278 24.62 -5.39 11.08
N THR B 279 23.57 -4.69 11.46
CA THR B 279 22.34 -5.36 11.76
C THR B 279 21.40 -5.16 10.55
N ARG B 280 21.45 -3.97 9.99
CA ARG B 280 20.67 -3.67 8.80
C ARG B 280 21.27 -2.49 8.04
N ILE B 281 20.89 -2.32 6.79
CA ILE B 281 21.32 -1.15 6.02
C ILE B 281 20.03 -0.49 5.62
N THR B 282 20.00 0.84 5.65
CA THR B 282 18.78 1.51 5.33
C THR B 282 19.06 2.54 4.28
N GLU B 283 18.24 2.60 3.23
CA GLU B 283 18.55 3.49 2.10
C GLU B 283 17.46 4.50 2.14
N HIS B 284 17.80 5.65 2.70
CA HIS B 284 16.84 6.66 3.14
C HIS B 284 15.93 7.20 2.06
N LYS B 285 16.38 7.28 0.81
CA LYS B 285 15.49 7.82 -0.23
C LYS B 285 14.24 6.93 -0.48
N TYR B 286 14.32 5.63 -0.15
CA TYR B 286 13.16 4.74 -0.30
C TYR B 286 12.00 5.02 0.68
N PHE B 287 12.21 5.94 1.63
CA PHE B 287 11.16 6.45 2.51
C PHE B 287 10.54 7.66 1.89
N SER B 288 11.02 8.07 0.72
CA SER B 288 10.39 9.20 0.00
C SER B 288 10.04 8.88 -1.47
N PRO B 289 9.28 7.78 -1.72
CA PRO B 289 9.03 7.36 -3.13
C PRO B 289 8.53 8.52 -4.02
N TRP B 290 7.71 9.41 -3.49
CA TRP B 290 7.22 10.54 -4.23
C TRP B 290 8.33 11.54 -4.66
N GLU B 291 9.58 11.30 -4.28
CA GLU B 291 10.70 12.15 -4.71
C GLU B 291 11.64 11.31 -5.53
N GLN B 292 12.38 11.94 -6.44
CA GLN B 292 13.46 11.22 -7.14
C GLN B 292 14.85 11.74 -6.81
N HIS B 293 15.76 10.79 -6.59
CA HIS B 293 17.14 11.16 -6.30
C HIS B 293 18.17 10.26 -6.95
N ASP B 294 19.09 10.91 -7.65
CA ASP B 294 20.23 10.22 -8.23
C ASP B 294 21.17 9.68 -7.19
N GLY B 295 21.68 10.55 -6.31
CA GLY B 295 22.58 10.09 -5.25
C GLY B 295 21.83 9.47 -4.07
N SER B 296 22.43 8.51 -3.39
CA SER B 296 21.73 7.81 -2.31
C SER B 296 22.51 7.86 -0.99
N VAL B 297 21.86 8.35 0.08
CA VAL B 297 22.44 8.27 1.44
C VAL B 297 22.05 6.92 2.08
N CYS B 298 22.98 6.21 2.69
CA CYS B 298 22.79 4.89 3.26
C CYS B 298 23.51 4.77 4.63
N TYR B 299 23.12 3.79 5.45
CA TYR B 299 23.60 3.67 6.80
C TYR B 299 23.81 2.22 7.08
N LYS B 300 25.02 1.81 7.40
CA LYS B 300 25.16 0.54 8.03
C LYS B 300 24.92 0.79 9.54
N GLU B 301 24.24 -0.15 10.20
CA GLU B 301 23.71 0.04 11.56
C GLU B 301 24.28 -1.03 12.45
N TYR B 302 25.04 -0.61 13.46
CA TYR B 302 25.64 -1.57 14.44
C TYR B 302 25.09 -1.40 15.86
N SER B 303 24.64 -2.50 16.44
CA SER B 303 24.16 -2.56 17.86
C SER B 303 25.30 -2.88 18.85
N ARG B 304 25.33 -2.14 19.98
CA ARG B 304 26.28 -2.30 21.13
C ARG B 304 25.57 -2.24 22.49
N ALA B 305 26.34 -2.41 23.58
CA ALA B 305 25.89 -1.99 24.90
C ALA B 305 26.07 -0.48 25.08
N CYS B 306 25.06 0.16 25.62
CA CYS B 306 25.08 1.58 25.87
C CYS B 306 25.94 1.93 27.08
N GLU B 307 26.76 2.94 26.91
CA GLU B 307 27.78 3.29 27.84
C GLU B 307 27.56 4.76 27.97
N GLU B 308 28.07 5.38 29.02
CA GLU B 308 27.62 6.70 29.42
C GLU B 308 27.65 7.82 28.40
N ASN B 309 28.43 7.68 27.35
CA ASN B 309 28.50 8.72 26.29
C ASN B 309 27.52 8.54 25.10
N ASP B 310 27.24 7.29 24.74
CA ASP B 310 26.28 6.91 23.72
C ASP B 310 24.81 7.44 23.93
N ILE B 311 24.01 7.43 22.85
CA ILE B 311 22.55 7.71 22.90
C ILE B 311 21.83 6.43 23.28
N PRO B 312 20.92 6.50 24.27
CA PRO B 312 20.22 5.24 24.62
C PRO B 312 19.13 4.94 23.57
N TYR B 313 19.10 3.72 23.04
CA TYR B 313 18.12 3.40 22.00
C TYR B 313 17.02 2.47 22.47
N TYR B 314 17.29 1.18 22.59
CA TYR B 314 16.29 0.25 23.08
C TYR B 314 16.53 -0.16 24.53
N PRO B 315 15.47 -0.10 25.38
CA PRO B 315 15.68 -0.46 26.79
C PRO B 315 15.62 -1.97 26.93
N ILE B 316 16.50 -2.53 27.75
CA ILE B 316 16.63 -3.97 27.80
C ILE B 316 15.51 -4.65 28.61
N ARG B 317 15.17 -4.09 29.76
CA ARG B 317 14.06 -4.66 30.52
C ARG B 317 14.14 -6.16 30.73
N GLN B 318 15.34 -6.70 30.94
CA GLN B 318 15.48 -8.04 31.56
C GLN B 318 15.22 -7.88 33.07
N MET B 319 15.14 -9.00 33.80
CA MET B 319 14.93 -9.00 35.27
C MET B 319 15.63 -7.87 36.09
N GLY B 320 16.94 -7.80 35.95
CA GLY B 320 17.74 -6.86 36.70
C GLY B 320 17.28 -5.43 36.53
N GLU B 321 17.17 -4.99 35.29
CA GLU B 321 16.75 -3.61 35.00
C GLU B 321 15.37 -3.26 35.57
N MET B 322 14.47 -4.25 35.65
CA MET B 322 13.15 -4.07 36.30
C MET B 322 13.29 -3.76 37.79
N ALA B 323 14.18 -4.44 38.48
CA ALA B 323 14.30 -4.20 39.93
C ALA B 323 14.87 -2.83 40.10
N LEU B 324 15.92 -2.55 39.33
CA LEU B 324 16.53 -1.27 39.35
C LEU B 324 15.53 -0.17 38.96
N LEU B 325 14.75 -0.37 37.89
CA LEU B 325 13.70 0.58 37.57
C LEU B 325 12.73 0.84 38.71
N GLU B 326 12.26 -0.23 39.37
CA GLU B 326 11.39 -0.05 40.51
C GLU B 326 11.96 0.89 41.60
N LYS B 327 13.26 0.91 41.85
CA LYS B 327 13.80 1.87 42.80
C LYS B 327 13.64 3.30 42.31
N TYR B 328 13.73 3.55 41.02
CA TYR B 328 13.62 4.91 40.59
C TYR B 328 12.14 5.28 40.62
N LEU B 329 11.28 4.32 40.27
CA LEU B 329 9.84 4.59 40.34
C LEU B 329 9.47 5.00 41.75
N SER B 330 9.97 4.30 42.76
CA SER B 330 9.48 4.66 44.10
C SER B 330 10.05 6.00 44.57
N LEU B 331 11.23 6.39 44.10
CA LEU B 331 11.71 7.78 44.33
C LEU B 331 10.84 8.85 43.64
N ALA B 332 10.55 8.61 42.35
CA ALA B 332 9.69 9.49 41.55
C ALA B 332 8.27 9.64 42.15
N GLU B 333 7.77 8.63 42.85
CA GLU B 333 6.44 8.68 43.43
C GLU B 333 6.31 9.72 44.56
N ASN B 334 7.42 10.20 45.10
CA ASN B 334 7.37 11.17 46.19
C ASN B 334 7.69 12.57 45.71
N GLU B 335 7.58 12.84 44.43
CA GLU B 335 7.88 14.16 43.94
C GLU B 335 6.64 15.00 43.79
N THR B 336 6.76 16.30 43.68
CA THR B 336 5.55 17.10 43.62
C THR B 336 5.18 17.89 42.38
N ASN B 337 6.06 18.61 41.75
CA ASN B 337 5.50 19.33 40.64
C ASN B 337 6.14 18.92 39.36
N ILE B 338 6.20 17.62 39.17
CA ILE B 338 6.87 17.05 38.05
C ILE B 338 6.04 15.89 37.55
N THR B 339 6.07 15.66 36.24
CA THR B 339 5.51 14.47 35.61
C THR B 339 6.57 13.91 34.67
N PHE B 340 6.83 12.63 34.80
CA PHE B 340 7.80 11.96 33.88
C PHE B 340 7.01 11.29 32.75
N VAL B 341 7.50 11.41 31.50
CA VAL B 341 6.78 10.96 30.29
C VAL B 341 7.73 10.43 29.21
N GLY B 342 7.20 9.65 28.30
CA GLY B 342 7.96 9.25 27.11
C GLY B 342 8.75 8.01 27.38
N ARG B 343 9.43 7.52 26.35
CA ARG B 343 10.21 6.30 26.44
C ARG B 343 11.34 6.33 27.43
N LEU B 344 11.97 7.48 27.54
CA LEU B 344 13.15 7.67 28.33
C LEU B 344 12.71 7.98 29.77
N GLY B 345 11.68 8.80 29.91
CA GLY B 345 11.08 9.04 31.21
C GLY B 345 10.46 7.83 31.93
N THR B 346 10.10 6.77 31.19
CA THR B 346 9.34 5.71 31.83
C THR B 346 10.00 4.39 31.51
N TYR B 347 11.12 4.42 30.80
CA TYR B 347 11.88 3.17 30.52
C TYR B 347 11.07 2.18 29.66
N ARG B 348 10.41 2.67 28.63
CA ARG B 348 9.53 1.79 27.80
C ARG B 348 9.78 1.95 26.32
N TYR B 349 9.69 0.89 25.55
CA TYR B 349 9.86 1.09 24.10
C TYR B 349 8.54 1.64 23.54
N LEU B 350 8.51 2.91 23.11
CA LEU B 350 7.27 3.50 22.59
C LEU B 350 7.33 3.95 21.12
N ASP B 351 6.35 3.56 20.31
CA ASP B 351 6.23 4.11 18.96
C ASP B 351 5.81 5.60 19.00
N MET B 352 5.99 6.31 17.88
CA MET B 352 5.47 7.69 17.76
C MET B 352 3.98 7.81 18.07
N ASP B 353 3.17 6.93 17.49
CA ASP B 353 1.71 7.02 17.70
C ASP B 353 1.35 6.87 19.17
N VAL B 354 1.92 5.89 19.86
CA VAL B 354 1.67 5.74 21.30
C VAL B 354 2.23 6.95 22.14
N THR B 355 3.44 7.44 21.81
CA THR B 355 3.97 8.65 22.41
C THR B 355 3.00 9.84 22.27
N ILE B 356 2.55 10.12 21.05
CA ILE B 356 1.61 11.21 20.82
C ILE B 356 0.31 10.99 21.60
N ALA B 357 -0.24 9.76 21.54
CA ALA B 357 -1.41 9.43 22.35
C ALA B 357 -1.17 9.72 23.84
N GLU B 358 -0.06 9.27 24.38
CA GLU B 358 0.20 9.52 25.80
C GLU B 358 0.42 11.00 26.13
N ALA B 359 1.03 11.75 25.21
CA ALA B 359 1.21 13.18 25.47
C ALA B 359 -0.10 13.95 25.48
N LEU B 360 -1.03 13.63 24.58
CA LEU B 360 -2.34 14.29 24.63
C LEU B 360 -3.07 13.99 25.94
N LYS B 361 -3.03 12.76 26.40
CA LYS B 361 -3.70 12.38 27.61
C LYS B 361 -3.10 13.08 28.84
N THR B 362 -1.77 13.07 28.92
CA THR B 362 -1.03 13.77 29.96
C THR B 362 -1.46 15.21 29.99
N ALA B 363 -1.45 15.89 28.84
CA ALA B 363 -1.93 17.29 28.79
C ALA B 363 -3.35 17.45 29.28
N GLU B 364 -4.22 16.50 28.94
CA GLU B 364 -5.62 16.61 29.34
C GLU B 364 -5.76 16.42 30.88
N VAL B 365 -5.09 15.41 31.43
CA VAL B 365 -5.12 15.20 32.88
C VAL B 365 -4.60 16.46 33.67
N TYR B 366 -3.52 17.06 33.19
CA TYR B 366 -3.03 18.28 33.79
C TYR B 366 -4.01 19.39 33.72
N LEU B 367 -4.60 19.63 32.53
CA LEU B 367 -5.56 20.71 32.36
C LEU B 367 -6.74 20.43 33.26
N ASN B 368 -7.13 19.17 33.36
CA ASN B 368 -8.21 18.77 34.29
C ASN B 368 -7.84 18.99 35.76
N SER B 369 -6.61 18.64 36.14
CA SER B 369 -6.11 18.92 37.48
C SER B 369 -6.22 20.42 37.87
N LEU B 370 -5.90 21.36 37.00
CA LEU B 370 -6.13 22.78 37.31
C LEU B 370 -7.62 23.17 37.42
N THR B 371 -8.49 22.59 36.62
CA THR B 371 -9.87 23.01 36.72
C THR B 371 -10.51 22.44 38.01
N ASP B 372 -10.27 21.17 38.31
CA ASP B 372 -10.83 20.54 39.50
C ASP B 372 -10.06 20.81 40.82
N ASN B 373 -9.06 21.68 40.78
CA ASN B 373 -8.13 21.90 41.90
C ASN B 373 -7.49 20.64 42.52
N GLN B 374 -7.16 19.64 41.70
CA GLN B 374 -6.55 18.43 42.24
C GLN B 374 -5.01 18.39 41.97
N PRO B 375 -4.29 17.48 42.67
CA PRO B 375 -2.88 17.41 42.36
C PRO B 375 -2.62 16.61 41.05
N MET B 376 -1.64 17.05 40.25
CA MET B 376 -1.23 16.32 39.04
C MET B 376 -0.39 15.06 39.32
N PRO B 377 -0.79 13.88 38.85
CA PRO B 377 0.05 12.68 39.06
C PRO B 377 1.47 12.83 38.49
N VAL B 378 2.39 11.99 38.96
CA VAL B 378 3.79 11.98 38.54
C VAL B 378 3.97 11.14 37.28
N PHE B 379 3.12 10.11 37.18
CA PHE B 379 2.89 9.38 35.94
C PHE B 379 1.42 9.36 35.55
N THR B 380 1.14 9.42 34.23
CA THR B 380 -0.22 9.38 33.69
C THR B 380 -0.50 8.07 32.98
N VAL B 381 0.47 7.16 33.06
CA VAL B 381 0.40 5.86 32.43
C VAL B 381 0.87 4.83 33.43
N SER B 382 0.54 3.57 33.20
CA SER B 382 0.98 2.52 34.11
C SER B 382 2.49 2.20 33.92
N VAL B 383 3.24 2.08 35.01
CA VAL B 383 4.69 1.74 34.93
C VAL B 383 5.09 0.69 35.98
N GLY B 384 4.35 0.66 37.09
CA GLY B 384 4.60 -0.28 38.18
C GLY B 384 4.17 -1.72 37.92
PA FDA C . -19.63 -2.34 -19.85
O1A FDA C . -19.29 -3.53 -20.66
O2A FDA C . -19.30 -2.51 -18.42
O5B FDA C . -21.20 -2.09 -19.84
C5B FDA C . -21.98 -2.17 -21.01
C4B FDA C . -23.45 -2.49 -20.61
O4B FDA C . -24.29 -2.52 -21.77
C3B FDA C . -23.68 -3.84 -19.94
O3B FDA C . -24.30 -3.68 -18.70
C2B FDA C . -24.64 -4.56 -20.90
O2B FDA C . -25.58 -5.35 -20.21
C1B FDA C . -25.33 -3.43 -21.60
N9A FDA C . -25.82 -3.74 -22.92
C8A FDA C . -25.09 -4.21 -23.98
N7A FDA C . -25.92 -4.39 -25.05
C5A FDA C . -27.15 -3.97 -24.66
C6A FDA C . -28.35 -3.90 -25.34
N6A FDA C . -28.33 -3.98 -26.68
N1A FDA C . -29.50 -3.43 -24.66
C2A FDA C . -29.44 -3.03 -23.35
N3A FDA C . -28.22 -3.12 -22.69
C4A FDA C . -27.11 -3.56 -23.33
N1 FDA C . -10.68 -1.94 -15.53
C2 FDA C . -9.90 -1.38 -14.52
O2 FDA C . -9.75 -0.20 -14.54
N3 FDA C . -9.32 -2.15 -13.53
C4 FDA C . -9.50 -3.54 -13.59
O4 FDA C . -8.93 -4.25 -12.75
C4X FDA C . -10.30 -4.10 -14.59
N5 FDA C . -10.57 -5.51 -14.66
C5X FDA C . -11.13 -6.08 -15.83
C6 FDA C . -11.10 -7.46 -15.96
C7 FDA C . -11.64 -7.97 -17.15
C7M FDA C . -11.60 -9.47 -17.32
C8 FDA C . -12.17 -7.15 -18.14
C8M FDA C . -12.74 -7.72 -19.40
C9 FDA C . -12.19 -5.76 -17.99
C9A FDA C . -11.66 -5.22 -16.81
N10 FDA C . -11.69 -3.82 -16.59
C10 FDA C . -10.90 -3.30 -15.57
C1' FDA C . -12.32 -2.92 -17.61
C2' FDA C . -13.67 -2.41 -17.15
O2' FDA C . -14.50 -3.53 -17.00
C3' FDA C . -14.29 -1.48 -18.16
O3' FDA C . -13.52 -0.32 -18.02
C4' FDA C . -15.73 -1.16 -17.84
O4' FDA C . -16.49 -2.38 -17.64
C5' FDA C . -16.35 -0.31 -18.97
O5' FDA C . -17.75 -0.20 -18.78
P FDA C . -18.71 0.31 -19.93
O1P FDA C . -19.96 0.83 -19.26
O2P FDA C . -17.95 1.26 -20.83
O3P FDA C . -19.06 -1.07 -20.66
N1 UDP D . 1.52 -12.06 -18.73
C2 UDP D . 2.24 -13.22 -18.68
N3 UDP D . 2.42 -13.85 -17.48
C4 UDP D . 1.90 -13.35 -16.31
C5 UDP D . 1.15 -12.16 -16.34
C6 UDP D . 0.92 -11.55 -17.59
O2 UDP D . 2.72 -13.73 -19.66
O4 UDP D . 2.10 -14.03 -15.29
C1' UDP D . 1.37 -11.45 -20.06
C2' UDP D . 0.14 -12.06 -20.66
O2' UDP D . 0.37 -12.35 -22.02
C3' UDP D . -0.90 -10.97 -20.44
C4' UDP D . -0.07 -9.69 -20.49
O4' UDP D . 1.16 -10.07 -19.97
O3' UDP D . -1.89 -11.01 -21.44
C5' UDP D . -0.59 -8.48 -19.70
O5' UDP D . -1.22 -8.99 -18.55
PA UDP D . -1.84 -8.17 -17.33
O1A UDP D . -0.73 -7.53 -16.67
O2A UDP D . -2.52 -9.15 -16.47
O3A UDP D . -2.71 -6.88 -17.78
PB UDP D . -4.26 -6.99 -18.34
O1B UDP D . -4.55 -8.45 -18.48
O2B UDP D . -4.28 -6.15 -19.60
O3B UDP D . -5.34 -6.43 -17.47
PA FDA E . 12.78 11.50 22.28
O1A FDA E . 13.81 10.48 22.71
O2A FDA E . 12.60 11.64 20.78
O5B FDA E . 13.01 12.95 22.84
C5B FDA E . 13.73 13.14 24.01
C4B FDA E . 14.30 14.52 23.85
O4B FDA E . 14.62 15.09 25.11
C3B FDA E . 15.59 14.42 23.10
O3B FDA E . 15.61 15.42 22.10
C2B FDA E . 16.67 14.79 24.10
O2B FDA E . 17.60 15.63 23.46
C1B FDA E . 15.94 15.58 25.16
N9A FDA E . 16.58 15.37 26.47
C8A FDA E . 16.86 14.18 27.08
N7A FDA E . 17.46 14.41 28.27
C5A FDA E . 17.60 15.76 28.41
C6A FDA E . 18.14 16.55 29.43
N6A FDA E . 18.42 16.01 30.60
N1A FDA E . 18.14 17.94 29.31
C2A FDA E . 17.61 18.53 28.21
N3A FDA E . 17.08 17.71 27.22
C4A FDA E . 17.06 16.36 27.31
N1 FDA E . 8.67 4.76 16.26
C2 FDA E . 7.71 4.54 15.29
O2 FDA E . 6.54 4.74 15.55
N3 FDA E . 8.10 4.07 14.04
C4 FDA E . 9.46 3.82 13.77
O4 FDA E . 9.76 3.40 12.66
C4X FDA E . 10.43 4.05 14.73
N5 FDA E . 11.80 3.83 14.43
C5X FDA E . 12.68 3.83 15.53
C6 FDA E . 13.97 3.35 15.40
C7 FDA E . 14.83 3.33 16.49
C7M FDA E . 16.24 2.83 16.34
C8 FDA E . 14.39 3.75 17.74
C8M FDA E . 15.29 3.73 18.94
C9 FDA E . 13.10 4.22 17.87
C9A FDA E . 12.24 4.29 16.78
N10 FDA E . 10.95 4.77 17.00
C10 FDA E . 10.03 4.51 15.99
C1' FDA E . 10.50 5.23 18.35
C2' FDA E . 10.39 6.73 18.36
O2' FDA E . 11.67 7.27 18.01
C3' FDA E . 9.92 7.25 19.71
O3' FDA E . 8.57 6.97 19.94
C4' FDA E . 10.02 8.76 19.84
O4' FDA E . 11.37 9.18 19.71
C5' FDA E . 9.58 9.14 21.23
O5' FDA E . 9.79 10.54 21.32
P FDA E . 10.01 11.28 22.77
O1P FDA E . 9.76 12.74 22.67
O2P FDA E . 9.11 10.76 23.85
O3P FDA E . 11.52 11.01 23.13
N1 GDU F . 14.30 -9.25 15.13
C2 GDU F . 15.00 -10.34 14.57
N3 GDU F . 15.31 -10.35 13.28
C4 GDU F . 14.97 -9.34 12.47
C5 GDU F . 14.29 -8.26 13.00
C6 GDU F . 13.96 -8.25 14.34
O2 GDU F . 15.32 -11.31 15.28
O4 GDU F . 15.28 -9.36 11.27
C1D GDU F . 13.91 -9.19 16.54
C2D GDU F . 14.85 -8.35 17.36
O2D GDU F . 14.55 -8.66 18.72
C3D GDU F . 14.36 -6.95 17.05
C4D GDU F . 12.85 -7.13 16.95
O4D GDU F . 12.66 -8.50 16.60
O3D GDU F . 14.74 -6.03 18.07
C5D GDU F . 12.17 -6.20 15.95
O5D GDU F . 12.03 -4.92 16.54
PA GDU F . 11.99 -3.60 15.64
O1A GDU F . 12.08 -3.90 14.19
O2A GDU F . 10.75 -2.83 15.95
O3A GDU F . 13.31 -2.81 16.04
PB GDU F . 13.55 -1.27 15.68
O1B GDU F . 15.00 -1.00 15.48
O2B GDU F . 12.99 -0.42 16.77
O3B GDU F . 12.76 -0.98 14.32
C1' GDU F . 12.33 0.34 13.99
C2' GDU F . 10.85 0.49 14.27
C3' GDU F . 10.05 -0.40 13.34
C4' GDU F . 10.37 0.01 11.94
C5' GDU F . 11.84 -0.16 11.68
C6' GDU F . 12.15 0.32 10.27
O2' GDU F . 10.60 0.13 15.62
O3' GDU F . 8.65 -0.23 13.53
O4' GDU F . 9.90 1.30 11.58
O5' GDU F . 12.60 0.60 12.62
O6' GDU F . 11.86 -0.71 9.34
#